data_8XNB
#
_entry.id   8XNB
#
_cell.length_a   1.00
_cell.length_b   1.00
_cell.length_c   1.00
_cell.angle_alpha   90.00
_cell.angle_beta   90.00
_cell.angle_gamma   90.00
#
_symmetry.space_group_name_H-M   'P 1'
#
_entity_poly.entity_id   1
_entity_poly.type   'polypeptide(L)'
_entity_poly.pdbx_seq_one_letter_code
;MKYLLPTAAAGLLLLAAQPAMAGSDYKDDDDKSGHHHHHHHHHHGSDEVDAGSQQAGTVQDISVVGTTDLLSEFLKTTLT
VQPGAALSSVNLRQVEQEVLASGYFKTATAELRTTGGRDTLVVTVTANPVIKDVQATGLTFLPADAFKQSVAELLNIAPG
AVLNTQRLEQAKEALAQNYRQEGFPFVPSISADTKTNKDGTATVTFVVDESAPLSRIEVTGATLLPQATVQNIFRPLQTS
KRFTTQAFFAASDALQAAYEAAGYFQAGIDPRSVTLENGVLKLSVIESRVASVDLSPLGTLAQTPALQTKAGQPLRLAQL
QADVRALANQTGQPVGFALQADPQNPSQVTVLFGAADVESGPVKSIAFVGNTKVPTAQLQAAIKTKPGDVYSPQLAQDDF
MALRNVYRQAGYEISTRDAITFQNGVLTYNLREVRLAGYELAWQGQHRTKDRVILRELPAAGQTFNSKDVQAALGRVSAL
GYVTINDVRVKSDPQNPENVTYVIALSEGRTGIPVNLSLGYDSLQGGWSGDVAYTNSNAFGLGHSFGVRLGAVQNQAGQN
WVGSLNYTIPWLDLDFADFRKNRTSLSFGVGSDVGGNIALLDANKEDTGRDYTTRTNGFSLGLGRNITPNLTASANVAFN
NRTSYLEPKQEGETSNLDDAAATALLPATSLTTRLSGNLNYDNTDNVNFPGRGVRAYGALGYNVGRAGDAPLSWTDGEIG
VSGYYGFGGRIKRSFGLETYRQVLAARANTGTTTGTFPDGTGYFIGGSNPLASRELRGLEDGQLFGTNYFSSSLEYRYDF
GLSGGVAQGLYGVLFADYGGVWNSGEAFRSAYGVGAGVQLNLGFGGAQLPSLRFDYGYSGQNAQKPNGRFHFRIGNFW
;
_entity_poly.pdbx_strand_id   A,B
#
# COMPACT_ATOMS: atom_id res chain seq x y z
N ARG A 510 -6.07 -13.45 5.28
CA ARG A 510 -6.00 -12.49 4.19
C ARG A 510 -6.53 -11.12 4.60
N THR A 511 -6.35 -10.77 5.88
CA THR A 511 -6.74 -9.48 6.48
C THR A 511 -8.15 -9.06 6.09
N GLY A 512 -9.00 -10.02 5.76
CA GLY A 512 -10.33 -9.69 5.28
C GLY A 512 -10.24 -8.97 3.94
N ILE A 513 -10.94 -7.85 3.84
CA ILE A 513 -11.02 -7.11 2.59
C ILE A 513 -10.81 -5.62 2.86
N PRO A 514 -9.82 -5.00 2.25
CA PRO A 514 -9.84 -3.54 2.16
C PRO A 514 -10.78 -3.12 1.06
N VAL A 515 -11.79 -2.32 1.40
CA VAL A 515 -12.87 -2.02 0.46
C VAL A 515 -12.34 -1.38 -0.80
N ASN A 516 -11.26 -0.60 -0.70
CA ASN A 516 -10.79 0.13 -1.84
C ASN A 516 -9.31 0.42 -1.69
N LEU A 517 -8.56 0.17 -2.77
CA LEU A 517 -7.25 0.75 -2.94
C LEU A 517 -7.45 2.05 -3.72
N SER A 518 -7.87 3.09 -3.01
CA SER A 518 -8.23 4.36 -3.63
C SER A 518 -7.00 5.00 -4.24
N LEU A 519 -7.01 5.17 -5.56
CA LEU A 519 -5.95 5.88 -6.26
C LEU A 519 -6.36 7.34 -6.34
N GLY A 520 -5.63 8.20 -5.67
CA GLY A 520 -5.94 9.62 -5.65
C GLY A 520 -4.79 10.45 -6.17
N TYR A 521 -5.12 11.50 -6.90
CA TYR A 521 -4.14 12.45 -7.41
C TYR A 521 -4.50 13.83 -6.87
N ASP A 522 -3.51 14.53 -6.33
CA ASP A 522 -3.69 15.90 -5.88
C ASP A 522 -2.33 16.57 -6.01
N SER A 523 -2.14 17.30 -7.11
CA SER A 523 -0.82 17.85 -7.42
C SER A 523 -0.35 18.85 -6.38
N LEU A 524 -1.27 19.40 -5.58
CA LEU A 524 -0.86 20.28 -4.49
C LEU A 524 -0.06 19.52 -3.46
N GLN A 525 -0.58 18.38 -2.99
CA GLN A 525 0.06 17.67 -1.90
C GLN A 525 1.17 16.75 -2.41
N GLY A 526 0.90 16.01 -3.48
CA GLY A 526 1.89 15.07 -3.97
C GLY A 526 1.58 14.50 -5.34
N GLY A 527 2.54 13.79 -5.91
CA GLY A 527 2.39 13.24 -7.25
C GLY A 527 1.21 12.29 -7.39
N TRP A 528 1.14 11.28 -6.52
CA TRP A 528 0.09 10.28 -6.58
C TRP A 528 -0.18 9.78 -5.18
N SER A 529 -1.36 9.17 -4.98
CA SER A 529 -1.73 8.70 -3.66
C SER A 529 -2.50 7.39 -3.79
N GLY A 530 -2.33 6.52 -2.80
CA GLY A 530 -3.06 5.28 -2.76
C GLY A 530 -3.47 4.90 -1.35
N ASP A 531 -4.76 4.77 -1.10
CA ASP A 531 -5.26 4.47 0.24
C ASP A 531 -6.03 3.16 0.24
N VAL A 532 -5.68 2.26 1.16
CA VAL A 532 -6.44 1.04 1.39
C VAL A 532 -7.30 1.26 2.63
N ALA A 533 -8.59 0.99 2.50
CA ALA A 533 -9.56 1.29 3.54
C ALA A 533 -10.34 0.05 3.90
N TYR A 534 -10.23 -0.37 5.15
CA TYR A 534 -10.99 -1.49 5.69
C TYR A 534 -12.11 -0.91 6.54
N THR A 535 -13.34 -1.13 6.13
CA THR A 535 -14.49 -0.71 6.91
C THR A 535 -15.21 -1.95 7.44
N ASN A 536 -15.89 -1.77 8.58
CA ASN A 536 -16.68 -2.84 9.18
C ASN A 536 -17.92 -2.16 9.76
N SER A 537 -19.06 -2.37 9.11
CA SER A 537 -20.28 -1.69 9.50
C SER A 537 -20.77 -2.18 10.86
N ASN A 538 -20.74 -3.49 11.08
CA ASN A 538 -21.18 -4.07 12.33
C ASN A 538 -19.98 -4.55 13.13
N ALA A 539 -19.81 -3.98 14.33
CA ALA A 539 -18.72 -4.35 15.20
C ALA A 539 -19.22 -4.36 16.63
N PHE A 540 -18.63 -5.22 17.45
CA PHE A 540 -18.99 -5.38 18.86
C PHE A 540 -20.46 -5.72 19.05
N GLY A 541 -21.13 -6.20 18.01
CA GLY A 541 -22.43 -6.80 18.13
C GLY A 541 -23.62 -5.86 18.14
N LEU A 542 -23.42 -4.54 18.10
CA LEU A 542 -24.55 -3.63 18.19
C LEU A 542 -24.42 -2.48 17.18
N GLY A 543 -23.98 -2.78 15.96
CA GLY A 543 -24.00 -1.78 14.91
C GLY A 543 -23.05 -0.62 15.11
N HIS A 544 -21.78 -0.90 15.33
CA HIS A 544 -20.75 0.12 15.49
C HIS A 544 -19.82 0.08 14.29
N SER A 545 -19.54 1.26 13.72
CA SER A 545 -18.80 1.32 12.47
C SER A 545 -17.33 1.59 12.75
N PHE A 546 -16.47 0.67 12.32
CA PHE A 546 -15.03 0.75 12.55
C PHE A 546 -14.31 0.81 11.23
N GLY A 547 -13.56 1.87 10.99
CA GLY A 547 -12.85 2.04 9.73
C GLY A 547 -11.39 2.36 9.96
N VAL A 548 -10.54 1.71 9.17
CA VAL A 548 -9.11 1.91 9.21
C VAL A 548 -8.62 2.23 7.81
N ARG A 549 -8.01 3.41 7.65
CA ARG A 549 -7.45 3.84 6.38
C ARG A 549 -5.94 3.87 6.50
N LEU A 550 -5.25 3.38 5.49
CA LEU A 550 -3.79 3.49 5.46
C LEU A 550 -3.39 3.82 4.04
N GLY A 551 -2.66 4.92 3.85
CA GLY A 551 -2.35 5.41 2.54
C GLY A 551 -0.87 5.72 2.40
N ALA A 552 -0.41 5.64 1.16
CA ALA A 552 0.92 6.07 0.78
C ALA A 552 0.78 7.20 -0.22
N VAL A 553 1.46 8.30 0.03
CA VAL A 553 1.35 9.49 -0.79
C VAL A 553 2.74 9.87 -1.30
N GLN A 554 2.83 10.10 -2.61
CA GLN A 554 4.12 10.39 -3.23
C GLN A 554 4.55 11.76 -2.73
N ASN A 555 5.41 11.76 -1.72
CA ASN A 555 5.80 12.97 -1.02
C ASN A 555 7.07 13.59 -1.54
N GLN A 556 7.87 12.83 -2.30
CA GLN A 556 9.26 13.17 -2.64
C GLN A 556 9.96 13.82 -1.46
N ALA A 557 9.79 13.22 -0.28
CA ALA A 557 10.27 13.78 0.97
C ALA A 557 10.43 12.64 1.97
N GLY A 558 10.61 13.01 3.25
CA GLY A 558 10.87 12.01 4.27
C GLY A 558 9.68 11.12 4.57
N GLN A 559 8.55 11.72 4.91
CA GLN A 559 7.36 10.99 5.35
C GLN A 559 6.58 10.51 4.14
N ASN A 560 6.19 9.24 4.15
CA ASN A 560 5.56 8.60 3.00
C ASN A 560 4.31 7.82 3.34
N TRP A 561 3.99 7.65 4.62
CA TRP A 561 2.85 6.83 5.04
C TRP A 561 1.92 7.64 5.93
N VAL A 562 0.64 7.68 5.55
CA VAL A 562 -0.39 8.36 6.31
C VAL A 562 -1.41 7.32 6.74
N GLY A 563 -2.18 7.66 7.77
CA GLY A 563 -3.11 6.69 8.33
C GLY A 563 -4.28 7.38 9.00
N SER A 564 -5.31 6.60 9.28
CA SER A 564 -6.51 7.09 9.94
C SER A 564 -7.24 5.91 10.55
N LEU A 565 -8.00 6.19 11.61
CA LEU A 565 -8.74 5.16 12.33
C LEU A 565 -9.95 5.83 12.94
N ASN A 566 -11.12 5.61 12.36
CA ASN A 566 -12.35 6.23 12.84
C ASN A 566 -13.30 5.16 13.36
N TYR A 567 -14.14 5.56 14.30
CA TYR A 567 -15.06 4.65 14.98
C TYR A 567 -16.31 5.46 15.27
N THR A 568 -17.38 5.19 14.53
CA THR A 568 -18.57 6.02 14.61
C THR A 568 -19.76 5.22 15.13
N ILE A 569 -20.64 5.93 15.81
CA ILE A 569 -21.78 5.44 16.56
C ILE A 569 -23.03 6.00 15.91
N PRO A 570 -23.82 5.19 15.23
CA PRO A 570 -25.10 5.67 14.70
C PRO A 570 -26.21 5.55 15.74
N TRP A 571 -27.00 6.62 15.85
CA TRP A 571 -28.12 6.70 16.79
C TRP A 571 -27.65 6.37 18.21
N LEU A 572 -26.82 7.24 18.75
CA LEU A 572 -26.44 7.12 20.15
C LEU A 572 -27.63 7.47 21.03
N ASP A 573 -27.82 6.71 22.12
CA ASP A 573 -28.91 6.95 23.07
C ASP A 573 -28.33 7.01 24.47
N LEU A 574 -28.15 8.22 24.98
CA LEU A 574 -27.66 8.45 26.33
C LEU A 574 -28.75 8.90 27.29
N ASP A 575 -29.98 9.08 26.80
CA ASP A 575 -31.09 9.64 27.58
C ASP A 575 -30.75 11.05 28.09
N PHE A 576 -29.77 11.68 27.45
CA PHE A 576 -29.27 12.98 27.88
C PHE A 576 -29.31 13.94 26.70
N ALA A 577 -29.63 15.20 27.00
CA ALA A 577 -29.65 16.27 26.00
C ALA A 577 -30.57 15.95 24.83
N ASP A 578 -31.83 15.61 25.15
CA ASP A 578 -32.94 15.45 24.21
C ASP A 578 -32.67 14.42 23.11
N PHE A 579 -31.68 13.55 23.28
CA PHE A 579 -31.24 12.64 22.22
C PHE A 579 -32.20 11.46 22.07
N ARG A 580 -33.44 11.78 21.69
CA ARG A 580 -34.47 10.77 21.50
C ARG A 580 -34.84 10.53 20.03
N LYS A 581 -34.17 11.20 19.09
CA LYS A 581 -34.42 10.97 17.68
C LYS A 581 -33.17 10.39 17.01
N ASN A 582 -33.34 9.99 15.75
CA ASN A 582 -32.21 9.55 14.92
C ASN A 582 -31.42 10.81 14.57
N ARG A 583 -30.63 11.29 15.53
CA ARG A 583 -30.03 12.62 15.44
C ARG A 583 -28.59 12.62 15.94
N THR A 584 -28.05 11.47 16.30
CA THR A 584 -26.74 11.41 16.97
C THR A 584 -25.83 10.46 16.21
N SER A 585 -24.74 10.99 15.65
CA SER A 585 -23.64 10.19 15.16
C SER A 585 -22.38 10.62 15.88
N LEU A 586 -21.84 9.75 16.72
CA LEU A 586 -20.71 10.09 17.57
C LEU A 586 -19.46 9.38 17.07
N SER A 587 -18.45 10.14 16.67
CA SER A 587 -17.32 9.55 15.96
C SER A 587 -16.01 9.91 16.63
N PHE A 588 -15.21 8.90 16.93
CA PHE A 588 -13.82 9.07 17.33
C PHE A 588 -12.94 8.94 16.10
N GLY A 589 -11.89 9.76 16.03
CA GLY A 589 -10.95 9.65 14.95
C GLY A 589 -9.51 9.89 15.37
N VAL A 590 -8.64 8.91 15.15
CA VAL A 590 -7.21 9.05 15.41
C VAL A 590 -6.51 8.95 14.07
N GLY A 591 -5.86 10.03 13.64
CA GLY A 591 -5.30 10.04 12.31
C GLY A 591 -3.95 10.71 12.27
N SER A 592 -3.30 10.57 11.11
CA SER A 592 -2.03 11.22 10.86
C SER A 592 -1.93 11.42 9.35
N ASP A 593 -1.91 12.68 8.92
CA ASP A 593 -1.83 13.03 7.52
C ASP A 593 -0.60 13.88 7.27
N VAL A 594 -0.28 14.11 6.00
CA VAL A 594 0.89 14.87 5.60
C VAL A 594 0.47 15.99 4.66
N GLY A 595 1.05 17.16 4.87
CA GLY A 595 1.01 18.24 3.89
C GLY A 595 2.39 18.35 3.24
N GLY A 596 2.41 18.26 1.92
CA GLY A 596 3.65 18.12 1.20
C GLY A 596 3.92 19.29 0.29
N ASN A 597 5.20 19.48 -0.01
CA ASN A 597 5.67 20.48 -0.98
C ASN A 597 5.30 21.91 -0.59
N ILE A 598 4.98 22.14 0.68
CA ILE A 598 4.67 23.49 1.13
C ILE A 598 5.93 24.34 1.07
N ALA A 599 5.83 25.53 0.51
CA ALA A 599 6.97 26.42 0.40
C ALA A 599 7.49 26.83 1.77
N LEU A 600 8.80 27.00 1.87
CA LEU A 600 9.44 27.36 3.12
C LEU A 600 9.59 28.87 3.19
N LEU A 601 9.09 29.47 4.26
CA LEU A 601 9.08 30.92 4.44
C LEU A 601 9.75 31.28 5.77
N ASP A 602 9.93 32.57 5.98
CA ASP A 602 10.52 33.10 7.21
C ASP A 602 10.06 34.55 7.36
N ALA A 603 10.63 35.24 8.35
CA ALA A 603 10.29 36.65 8.56
C ALA A 603 10.70 37.51 7.38
N ASN A 604 11.69 37.07 6.60
CA ASN A 604 12.09 37.77 5.39
C ASN A 604 11.22 37.42 4.18
N LYS A 605 10.26 36.50 4.35
CA LYS A 605 9.38 36.05 3.27
C LYS A 605 10.20 35.52 2.09
N GLU A 606 11.25 34.77 2.40
CA GLU A 606 12.15 34.27 1.36
C GLU A 606 11.46 33.19 0.52
N ASP A 607 11.89 33.08 -0.73
CA ASP A 607 11.41 32.04 -1.63
C ASP A 607 12.51 31.04 -1.99
N THR A 608 13.69 31.17 -1.39
CA THR A 608 14.81 30.28 -1.70
C THR A 608 14.85 29.03 -0.83
N GLY A 609 13.86 28.84 0.04
CA GLY A 609 13.82 27.61 0.82
C GLY A 609 13.57 26.40 -0.06
N ARG A 610 14.03 25.24 0.42
CA ARG A 610 13.91 24.02 -0.36
C ARG A 610 12.46 23.53 -0.37
N ASP A 611 11.95 23.14 0.78
CA ASP A 611 10.59 22.64 0.93
C ASP A 611 10.25 22.59 2.40
N TYR A 612 9.03 22.16 2.70
CA TYR A 612 8.54 22.14 4.07
C TYR A 612 7.39 21.15 4.14
N THR A 613 7.61 19.99 4.74
CA THR A 613 6.58 18.97 4.88
C THR A 613 6.08 18.93 6.31
N THR A 614 4.79 18.71 6.47
CA THR A 614 4.13 18.76 7.77
C THR A 614 3.47 17.43 8.07
N ARG A 615 3.75 16.88 9.24
CA ARG A 615 3.06 15.72 9.77
C ARG A 615 2.02 16.22 10.77
N THR A 616 0.76 15.85 10.56
CA THR A 616 -0.32 16.25 11.44
C THR A 616 -0.87 14.98 12.08
N ASN A 617 -0.67 14.85 13.39
CA ASN A 617 -1.23 13.75 14.16
C ASN A 617 -2.41 14.31 14.96
N GLY A 618 -3.59 13.82 14.69
CA GLY A 618 -4.81 14.40 15.23
C GLY A 618 -5.66 13.38 15.97
N PHE A 619 -6.29 13.84 17.04
CA PHE A 619 -7.31 13.07 17.76
C PHE A 619 -8.56 13.94 17.81
N SER A 620 -9.64 13.43 17.25
CA SER A 620 -10.85 14.22 17.05
C SER A 620 -12.08 13.48 17.56
N LEU A 621 -13.03 14.26 18.07
CA LEU A 621 -14.33 13.75 18.50
C LEU A 621 -15.39 14.57 17.80
N GLY A 622 -16.35 13.90 17.18
CA GLY A 622 -17.36 14.58 16.39
C GLY A 622 -18.76 14.13 16.74
N LEU A 623 -19.67 15.10 16.79
CA LEU A 623 -21.08 14.86 17.05
C LEU A 623 -21.87 15.36 15.84
N GLY A 624 -22.62 14.46 15.21
CA GLY A 624 -23.34 14.78 14.00
C GLY A 624 -24.83 14.64 14.17
N ARG A 625 -25.57 15.53 13.50
CA ARG A 625 -27.01 15.63 13.59
C ARG A 625 -27.60 15.62 12.18
N ASN A 626 -28.76 15.01 12.04
CA ASN A 626 -29.53 15.08 10.81
C ASN A 626 -30.84 15.80 11.09
N ILE A 627 -30.93 17.04 10.61
CA ILE A 627 -32.09 17.89 10.85
C ILE A 627 -33.29 17.44 10.03
N THR A 628 -33.16 17.47 8.71
CA THR A 628 -34.11 16.92 7.76
C THR A 628 -33.29 16.04 6.84
N PRO A 629 -33.90 15.00 6.24
CA PRO A 629 -33.09 14.10 5.38
C PRO A 629 -32.28 14.81 4.31
N ASN A 630 -32.65 16.02 3.93
CA ASN A 630 -31.81 16.81 3.04
C ASN A 630 -30.61 17.39 3.79
N LEU A 631 -30.83 17.91 5.00
CA LEU A 631 -29.82 18.67 5.71
C LEU A 631 -29.01 17.77 6.65
N THR A 632 -27.80 18.20 6.96
CA THR A 632 -26.97 17.55 7.96
C THR A 632 -26.05 18.58 8.59
N ALA A 633 -25.65 18.32 9.84
CA ALA A 633 -24.76 19.22 10.56
C ALA A 633 -23.83 18.39 11.44
N SER A 634 -22.72 19.00 11.83
CA SER A 634 -21.75 18.30 12.66
C SER A 634 -20.91 19.31 13.43
N ALA A 635 -20.33 18.83 14.53
CA ALA A 635 -19.43 19.63 15.35
C ALA A 635 -18.26 18.74 15.76
N ASN A 636 -17.06 19.10 15.35
CA ASN A 636 -15.86 18.31 15.59
C ASN A 636 -14.86 19.12 16.41
N VAL A 637 -14.31 18.49 17.45
CA VAL A 637 -13.22 19.06 18.23
C VAL A 637 -12.00 18.17 18.04
N ALA A 638 -10.89 18.78 17.62
CA ALA A 638 -9.71 18.02 17.23
C ALA A 638 -8.46 18.63 17.84
N PHE A 639 -7.68 17.80 18.55
CA PHE A 639 -6.36 18.17 19.01
C PHE A 639 -5.33 17.69 17.99
N ASN A 640 -4.55 18.61 17.45
CA ASN A 640 -3.59 18.32 16.40
C ASN A 640 -2.18 18.67 16.85
N ASN A 641 -1.25 17.75 16.62
CA ASN A 641 0.17 18.00 16.80
C ASN A 641 0.80 18.05 15.42
N ARG A 642 1.40 19.19 15.09
CA ARG A 642 2.01 19.43 13.79
C ARG A 642 3.52 19.47 13.93
N THR A 643 4.21 18.63 13.19
CA THR A 643 5.67 18.60 13.17
C THR A 643 6.15 18.89 11.75
N SER A 644 7.38 19.37 11.66
CA SER A 644 7.96 19.80 10.40
C SER A 644 9.13 18.92 10.03
N TYR A 645 9.39 18.80 8.72
CA TYR A 645 10.50 17.99 8.23
C TYR A 645 11.13 18.68 7.02
N LEU A 646 12.29 19.31 7.25
CA LEU A 646 13.08 19.87 6.17
C LEU A 646 13.57 18.75 5.25
N GLU A 647 13.67 19.04 3.96
CA GLU A 647 14.28 18.13 3.01
C GLU A 647 15.26 18.88 2.12
N PRO A 648 16.36 18.24 1.71
CA PRO A 648 17.20 18.82 0.66
C PRO A 648 16.46 18.86 -0.68
N LYS A 649 17.16 19.39 -1.69
CA LYS A 649 16.57 19.60 -3.00
C LYS A 649 16.13 18.28 -3.62
N GLN A 650 14.98 18.28 -4.29
CA GLN A 650 14.58 17.12 -5.07
C GLN A 650 15.36 17.04 -6.37
N GLU A 651 15.69 18.20 -6.95
CA GLU A 651 16.45 18.28 -8.19
C GLU A 651 17.10 19.66 -8.25
N GLY A 652 17.56 20.02 -9.45
CA GLY A 652 18.18 21.31 -9.64
C GLY A 652 17.19 22.45 -9.67
N GLU A 653 17.19 23.26 -8.61
CA GLU A 653 16.38 24.47 -8.58
C GLU A 653 17.20 25.56 -7.90
N THR A 654 16.83 26.81 -8.19
CA THR A 654 17.57 27.97 -7.71
C THR A 654 17.34 28.13 -6.20
N SER A 655 18.38 27.84 -5.42
CA SER A 655 18.31 28.02 -3.97
C SER A 655 19.73 28.17 -3.43
N ASN A 656 19.83 28.79 -2.25
CA ASN A 656 21.11 28.95 -1.56
C ASN A 656 20.84 28.96 -0.06
N LEU A 657 20.97 27.80 0.57
CA LEU A 657 20.76 27.65 2.01
C LEU A 657 21.59 26.47 2.48
N ASP A 658 21.64 26.29 3.80
CA ASP A 658 22.33 25.17 4.41
C ASP A 658 21.38 24.47 5.36
N ASP A 659 21.79 23.28 5.81
CA ASP A 659 20.90 22.44 6.62
C ASP A 659 20.61 23.06 7.97
N ALA A 660 21.61 23.65 8.62
CA ALA A 660 21.44 24.13 9.99
C ALA A 660 20.46 25.30 10.07
N ALA A 661 20.70 26.34 9.25
CA ALA A 661 19.83 27.51 9.29
C ALA A 661 18.41 27.17 8.83
N ALA A 662 18.29 26.32 7.80
CA ALA A 662 16.97 25.92 7.34
C ALA A 662 16.23 25.11 8.40
N THR A 663 16.94 24.21 9.09
CA THR A 663 16.33 23.47 10.18
C THR A 663 15.89 24.39 11.29
N ALA A 664 16.68 25.44 11.56
CA ALA A 664 16.25 26.45 12.52
C ALA A 664 15.01 27.19 12.04
N LEU A 665 14.86 27.35 10.72
CA LEU A 665 13.73 28.08 10.16
C LEU A 665 12.42 27.32 10.24
N LEU A 666 12.45 26.02 10.52
CA LEU A 666 11.22 25.24 10.60
C LEU A 666 10.44 25.65 11.85
N PRO A 667 9.17 26.00 11.72
CA PRO A 667 8.34 26.24 12.92
C PRO A 667 8.28 25.00 13.80
N ALA A 668 8.27 25.22 15.11
CA ALA A 668 8.33 24.14 16.07
C ALA A 668 7.07 23.28 16.00
N THR A 669 7.13 22.12 16.65
CA THR A 669 5.98 21.23 16.69
C THR A 669 4.85 21.90 17.45
N SER A 670 3.84 22.35 16.73
CA SER A 670 2.74 23.09 17.30
C SER A 670 1.69 22.13 17.85
N LEU A 671 1.09 22.51 18.97
CA LEU A 671 -0.02 21.76 19.55
C LEU A 671 -1.23 22.68 19.53
N THR A 672 -2.26 22.31 18.78
CA THR A 672 -3.43 23.14 18.57
C THR A 672 -4.69 22.36 18.88
N THR A 673 -5.75 23.09 19.20
CA THR A 673 -7.09 22.54 19.36
C THR A 673 -8.03 23.34 18.47
N ARG A 674 -8.83 22.64 17.68
CA ARG A 674 -9.72 23.27 16.71
C ARG A 674 -11.13 22.74 16.94
N LEU A 675 -12.07 23.65 17.22
CA LEU A 675 -13.47 23.31 17.36
C LEU A 675 -14.21 23.91 16.18
N SER A 676 -14.89 23.07 15.42
CA SER A 676 -15.48 23.50 14.16
C SER A 676 -16.86 22.90 13.99
N GLY A 677 -17.64 23.53 13.14
CA GLY A 677 -18.96 23.05 12.79
C GLY A 677 -19.16 23.07 11.29
N ASN A 678 -19.96 22.12 10.81
CA ASN A 678 -20.24 21.95 9.40
C ASN A 678 -21.74 21.84 9.20
N LEU A 679 -22.22 22.34 8.07
CA LEU A 679 -23.64 22.30 7.73
C LEU A 679 -23.76 22.09 6.23
N ASN A 680 -24.33 20.95 5.82
CA ASN A 680 -24.44 20.57 4.42
C ASN A 680 -25.89 20.38 4.03
N TYR A 681 -26.28 20.94 2.89
CA TYR A 681 -27.68 20.98 2.46
C TYR A 681 -27.69 20.51 1.01
N ASP A 682 -28.28 19.35 0.76
CA ASP A 682 -28.40 18.81 -0.59
C ASP A 682 -29.82 18.33 -0.82
N ASN A 683 -30.38 18.64 -1.99
CA ASN A 683 -31.69 18.16 -2.39
C ASN A 683 -31.68 17.76 -3.85
N THR A 684 -30.53 17.32 -4.35
CA THR A 684 -30.40 16.99 -5.76
C THR A 684 -30.96 15.60 -6.06
N ASP A 685 -31.11 15.31 -7.34
CA ASP A 685 -31.75 14.08 -7.77
C ASP A 685 -30.81 12.86 -7.72
N ASN A 686 -29.51 13.08 -7.59
CA ASN A 686 -28.55 11.98 -7.56
C ASN A 686 -27.25 12.51 -6.95
N VAL A 687 -26.19 11.73 -7.06
CA VAL A 687 -24.92 12.08 -6.44
C VAL A 687 -23.80 12.33 -7.44
N ASN A 688 -23.91 11.84 -8.67
CA ASN A 688 -22.83 11.99 -9.64
C ASN A 688 -23.13 12.98 -10.75
N PHE A 689 -24.35 12.98 -11.27
CA PHE A 689 -24.75 13.84 -12.37
C PHE A 689 -26.01 14.59 -11.95
N PRO A 690 -25.86 15.65 -11.16
CA PRO A 690 -27.04 16.34 -10.62
C PRO A 690 -27.84 17.02 -11.72
N GLY A 691 -29.11 16.63 -11.84
CA GLY A 691 -29.97 17.21 -12.85
C GLY A 691 -30.55 18.55 -12.46
N ARG A 692 -31.31 18.58 -11.37
CA ARG A 692 -32.01 19.78 -10.93
C ARG A 692 -31.93 19.87 -9.42
N GLY A 693 -31.22 20.88 -8.93
CA GLY A 693 -31.13 21.07 -7.49
C GLY A 693 -30.06 22.06 -7.11
N VAL A 694 -29.91 22.23 -5.80
CA VAL A 694 -28.92 23.14 -5.23
C VAL A 694 -28.22 22.42 -4.08
N ARG A 695 -26.90 22.45 -4.11
CA ARG A 695 -26.07 21.90 -3.04
C ARG A 695 -25.28 23.03 -2.39
N ALA A 696 -25.43 23.18 -1.08
CA ALA A 696 -24.79 24.26 -0.35
C ALA A 696 -24.12 23.70 0.89
N TYR A 697 -23.08 24.40 1.35
CA TYR A 697 -22.39 23.97 2.55
C TYR A 697 -21.75 25.17 3.23
N GLY A 698 -21.56 25.04 4.54
CA GLY A 698 -20.92 26.07 5.33
C GLY A 698 -20.18 25.48 6.52
N ALA A 699 -18.90 25.82 6.66
CA ALA A 699 -18.07 25.34 7.73
C ALA A 699 -17.45 26.52 8.46
N LEU A 700 -17.25 26.37 9.76
CA LEU A 700 -16.71 27.44 10.59
C LEU A 700 -15.96 26.85 11.77
N GLY A 701 -14.69 27.21 11.90
CA GLY A 701 -13.88 26.65 12.95
C GLY A 701 -12.98 27.64 13.67
N TYR A 702 -13.00 27.60 15.00
CA TYR A 702 -12.15 28.42 15.85
C TYR A 702 -11.08 27.53 16.45
N ASN A 703 -9.82 27.94 16.35
CA ASN A 703 -8.71 27.11 16.81
C ASN A 703 -7.67 27.96 17.53
N VAL A 704 -6.94 27.31 18.43
CA VAL A 704 -5.96 27.96 19.30
C VAL A 704 -4.85 26.97 19.60
N GLY A 705 -3.61 27.42 19.54
CA GLY A 705 -2.52 26.50 19.77
C GLY A 705 -1.21 27.22 20.03
N ARG A 706 -0.28 26.46 20.59
CA ARG A 706 1.08 26.91 20.88
C ARG A 706 1.99 26.40 19.77
N ALA A 707 2.61 27.34 19.04
CA ALA A 707 3.55 26.95 17.99
C ALA A 707 4.94 26.70 18.55
N GLY A 708 5.55 27.73 19.11
CA GLY A 708 6.81 27.59 19.82
C GLY A 708 6.61 27.89 21.29
N ASP A 709 6.99 29.09 21.71
CA ASP A 709 6.67 29.57 23.04
C ASP A 709 5.56 30.61 23.06
N ALA A 710 4.95 30.92 21.91
CA ALA A 710 3.93 31.94 21.83
C ALA A 710 2.60 31.33 21.43
N PRO A 711 1.50 31.69 22.08
CA PRO A 711 0.18 31.18 21.70
C PRO A 711 -0.61 31.97 20.66
N LEU A 712 -0.95 31.28 19.56
CA LEU A 712 -1.65 31.90 18.45
C LEU A 712 -3.03 31.28 18.32
N SER A 713 -4.04 32.13 18.17
CA SER A 713 -5.43 31.70 18.05
C SER A 713 -6.09 32.47 16.92
N TRP A 714 -6.93 31.77 16.15
CA TRP A 714 -7.62 32.38 15.03
C TRP A 714 -8.90 31.61 14.75
N THR A 715 -9.58 32.01 13.68
CA THR A 715 -10.79 31.33 13.24
C THR A 715 -10.86 31.42 11.73
N ASP A 716 -11.65 30.52 11.15
CA ASP A 716 -11.82 30.50 9.71
C ASP A 716 -13.22 30.00 9.38
N GLY A 717 -13.64 30.27 8.16
CA GLY A 717 -14.95 29.86 7.70
C GLY A 717 -14.98 29.78 6.20
N GLU A 718 -15.98 29.05 5.69
CA GLU A 718 -16.14 28.90 4.26
C GLU A 718 -17.60 28.60 3.95
N ILE A 719 -18.15 29.31 2.98
CA ILE A 719 -19.49 29.06 2.49
C ILE A 719 -19.39 28.67 1.02
N GLY A 720 -20.42 27.97 0.54
CA GLY A 720 -20.44 27.60 -0.85
C GLY A 720 -21.80 27.17 -1.34
N VAL A 721 -22.21 27.64 -2.51
CA VAL A 721 -23.47 27.23 -3.12
C VAL A 721 -23.19 26.73 -4.52
N SER A 722 -24.06 25.84 -4.99
CA SER A 722 -23.95 25.29 -6.34
C SER A 722 -25.34 24.96 -6.83
N GLY A 723 -25.61 25.27 -8.09
CA GLY A 723 -26.89 24.97 -8.69
C GLY A 723 -26.76 24.22 -10.00
N TYR A 724 -27.56 23.18 -10.17
CA TYR A 724 -27.51 22.35 -11.37
C TYR A 724 -28.90 22.29 -11.99
N TYR A 725 -29.00 22.70 -13.25
CA TYR A 725 -30.27 22.71 -13.98
C TYR A 725 -30.08 21.95 -15.28
N GLY A 726 -30.90 20.92 -15.50
CA GLY A 726 -30.82 20.17 -16.73
C GLY A 726 -31.33 20.96 -17.92
N PHE A 727 -30.85 20.59 -19.10
CA PHE A 727 -31.14 21.32 -20.35
C PHE A 727 -31.64 20.33 -21.41
N GLY A 728 -32.94 20.06 -21.40
CA GLY A 728 -33.58 19.36 -22.50
C GLY A 728 -33.05 17.98 -22.82
N GLY A 729 -32.89 17.12 -21.82
CA GLY A 729 -32.36 15.80 -22.07
C GLY A 729 -33.03 14.75 -21.21
N ARG A 730 -33.02 13.52 -21.73
CA ARG A 730 -33.58 12.37 -21.01
C ARG A 730 -32.76 11.13 -21.38
N ILE A 731 -31.88 10.72 -20.47
CA ILE A 731 -31.10 9.50 -20.63
C ILE A 731 -31.55 8.51 -19.58
N LYS A 732 -31.87 7.29 -20.04
CA LYS A 732 -32.49 6.29 -19.18
C LYS A 732 -31.56 5.11 -19.01
N ARG A 733 -30.75 5.12 -17.95
CA ARG A 733 -30.19 3.91 -17.38
C ARG A 733 -31.31 3.33 -16.53
N SER A 734 -31.77 2.12 -16.88
CA SER A 734 -32.92 1.53 -16.23
C SER A 734 -32.73 1.43 -14.72
N PHE A 735 -31.50 1.13 -14.29
CA PHE A 735 -31.20 1.14 -12.86
C PHE A 735 -31.08 2.57 -12.34
N GLY A 736 -30.38 3.43 -13.07
CA GLY A 736 -30.01 4.73 -12.55
C GLY A 736 -30.92 5.89 -12.87
N LEU A 737 -32.24 5.67 -12.80
CA LEU A 737 -33.25 6.71 -12.95
C LEU A 737 -33.02 7.47 -14.26
N GLU A 738 -33.31 8.76 -14.30
CA GLU A 738 -33.19 9.54 -15.53
C GLU A 738 -32.32 10.77 -15.27
N THR A 739 -31.34 11.00 -16.14
CA THR A 739 -30.47 12.17 -16.06
C THR A 739 -30.55 12.92 -17.38
N TYR A 740 -30.44 14.24 -17.32
CA TYR A 740 -30.52 15.05 -18.53
C TYR A 740 -29.25 14.88 -19.37
N ARG A 741 -29.39 15.05 -20.68
CA ARG A 741 -28.23 15.05 -21.55
C ARG A 741 -27.32 16.24 -21.26
N GLN A 742 -27.89 17.43 -21.14
CA GLN A 742 -27.14 18.66 -20.93
C GLN A 742 -27.57 19.28 -19.61
N VAL A 743 -26.59 19.70 -18.82
CA VAL A 743 -26.86 20.34 -17.53
C VAL A 743 -25.95 21.55 -17.36
N LEU A 744 -26.54 22.68 -17.01
CA LEU A 744 -25.78 23.87 -16.64
C LEU A 744 -25.52 23.86 -15.15
N ALA A 745 -24.26 24.02 -14.76
CA ALA A 745 -23.87 24.02 -13.35
C ALA A 745 -23.16 25.33 -13.04
N ALA A 746 -23.58 25.98 -11.96
CA ALA A 746 -22.99 27.24 -11.53
C ALA A 746 -22.71 27.18 -10.05
N ARG A 747 -21.45 27.39 -9.66
CA ARG A 747 -21.05 27.32 -8.28
C ARG A 747 -20.32 28.60 -7.87
N ALA A 748 -20.43 28.93 -6.59
CA ALA A 748 -19.73 30.06 -6.00
C ALA A 748 -19.36 29.70 -4.57
N ASN A 749 -18.07 29.75 -4.25
CA ASN A 749 -17.56 29.45 -2.92
C ASN A 749 -16.72 30.61 -2.43
N THR A 750 -16.73 30.80 -1.11
CA THR A 750 -15.99 31.87 -0.47
C THR A 750 -15.42 31.35 0.84
N GLY A 751 -14.32 31.96 1.30
CA GLY A 751 -13.71 31.55 2.55
C GLY A 751 -12.92 32.68 3.16
N THR A 752 -12.85 32.69 4.48
CA THR A 752 -12.17 33.73 5.23
C THR A 752 -11.39 33.11 6.39
N THR A 753 -10.37 33.83 6.83
CA THR A 753 -9.60 33.46 8.02
C THR A 753 -9.22 34.72 8.76
N THR A 754 -9.74 34.88 9.97
CA THR A 754 -9.53 36.09 10.77
C THR A 754 -8.88 35.75 12.09
N GLY A 755 -7.98 36.64 12.53
CA GLY A 755 -7.25 36.43 13.76
C GLY A 755 -5.76 36.32 13.51
N THR A 756 -5.00 35.89 14.51
CA THR A 756 -3.57 35.70 14.36
C THR A 756 -3.28 34.22 14.15
N PHE A 757 -2.42 33.93 13.19
CA PHE A 757 -2.15 32.56 12.77
C PHE A 757 -0.67 32.38 12.50
N PRO A 758 -0.14 31.17 12.65
CA PRO A 758 1.25 30.92 12.28
C PRO A 758 1.44 31.08 10.77
N ASP A 759 2.64 31.48 10.38
CA ASP A 759 2.94 31.61 8.97
C ASP A 759 2.87 30.26 8.28
N GLY A 760 2.36 30.25 7.05
CA GLY A 760 2.12 29.02 6.33
C GLY A 760 0.68 28.56 6.32
N THR A 761 -0.23 29.31 6.94
CA THR A 761 -1.65 28.98 6.95
C THR A 761 -2.40 29.94 6.05
N GLY A 762 -3.26 29.39 5.20
CA GLY A 762 -3.99 30.18 4.23
C GLY A 762 -4.69 29.26 3.25
N TYR A 763 -4.93 29.78 2.05
CA TYR A 763 -5.62 29.04 1.01
C TYR A 763 -4.87 29.18 -0.30
N PHE A 764 -4.77 28.06 -1.01
CA PHE A 764 -4.15 28.00 -2.33
C PHE A 764 -5.21 27.68 -3.36
N ILE A 765 -5.28 28.49 -4.42
CA ILE A 765 -6.17 28.24 -5.54
C ILE A 765 -5.33 28.22 -6.81
N GLY A 766 -5.71 27.34 -7.74
CA GLY A 766 -5.02 27.23 -9.01
C GLY A 766 -5.07 25.83 -9.59
N GLY A 767 -5.39 25.72 -10.87
CA GLY A 767 -5.47 24.42 -11.49
C GLY A 767 -6.66 23.64 -10.98
N SER A 768 -6.67 22.36 -11.34
CA SER A 768 -7.70 21.45 -10.89
C SER A 768 -7.27 20.80 -9.58
N ASN A 769 -8.21 20.69 -8.65
CA ASN A 769 -7.98 20.09 -7.35
C ASN A 769 -9.19 19.24 -7.01
N PRO A 770 -9.01 18.12 -6.31
CA PRO A 770 -10.17 17.25 -6.02
C PRO A 770 -11.28 17.94 -5.24
N LEU A 771 -10.95 18.86 -4.36
CA LEU A 771 -11.95 19.65 -3.65
C LEU A 771 -12.35 20.84 -4.50
N ALA A 772 -13.64 20.94 -4.80
CA ALA A 772 -14.14 21.86 -5.81
C ALA A 772 -14.04 23.31 -5.40
N SER A 773 -13.88 23.60 -4.11
CA SER A 773 -13.94 24.97 -3.61
C SER A 773 -12.59 25.67 -3.68
N ARG A 774 -11.59 25.06 -4.29
CA ARG A 774 -10.27 25.68 -4.40
C ARG A 774 -9.64 25.44 -5.77
N GLU A 775 -10.45 25.18 -6.80
CA GLU A 775 -9.95 24.82 -8.11
C GLU A 775 -10.15 25.97 -9.07
N LEU A 776 -9.07 26.36 -9.75
CA LEU A 776 -9.10 27.45 -10.74
C LEU A 776 -8.26 26.97 -11.92
N ARG A 777 -8.93 26.35 -12.89
CA ARG A 777 -8.23 25.77 -14.03
C ARG A 777 -7.55 26.86 -14.86
N GLY A 778 -6.33 26.59 -15.28
CA GLY A 778 -5.55 27.52 -16.07
C GLY A 778 -4.30 28.05 -15.38
N LEU A 779 -4.17 27.89 -14.08
CA LEU A 779 -3.01 28.38 -13.35
C LEU A 779 -2.20 27.20 -12.83
N GLU A 780 -1.03 27.52 -12.28
CA GLU A 780 -0.23 26.50 -11.61
C GLU A 780 -0.95 26.03 -10.36
N ASP A 781 -0.81 24.75 -10.05
CA ASP A 781 -1.47 24.18 -8.88
C ASP A 781 -0.99 24.89 -7.62
N GLY A 782 -1.89 25.63 -6.99
CA GLY A 782 -1.55 26.46 -5.85
C GLY A 782 -0.69 27.65 -6.21
N GLN A 783 -1.07 28.38 -7.26
CA GLN A 783 -0.35 29.57 -7.67
C GLN A 783 -0.87 30.82 -6.98
N LEU A 784 -2.16 30.87 -6.63
CA LEU A 784 -2.74 32.01 -5.94
C LEU A 784 -2.86 31.68 -4.47
N PHE A 785 -2.06 32.34 -3.64
CA PHE A 785 -2.07 32.12 -2.20
C PHE A 785 -2.65 33.33 -1.51
N GLY A 786 -3.63 33.11 -0.64
CA GLY A 786 -4.26 34.21 0.07
C GLY A 786 -4.83 33.79 1.40
N THR A 787 -4.92 34.77 2.31
CA THR A 787 -5.48 34.51 3.62
C THR A 787 -6.99 34.36 3.59
N ASN A 788 -7.65 34.88 2.54
CA ASN A 788 -9.06 34.63 2.31
C ASN A 788 -9.35 34.79 0.82
N TYR A 789 -10.42 34.17 0.37
CA TYR A 789 -10.57 33.93 -1.06
C TYR A 789 -12.04 33.83 -1.46
N PHE A 790 -12.27 33.95 -2.76
CA PHE A 790 -13.57 33.74 -3.37
C PHE A 790 -13.36 33.20 -4.79
N SER A 791 -14.07 32.13 -5.13
CA SER A 791 -14.00 31.55 -6.45
C SER A 791 -15.41 31.23 -6.93
N SER A 792 -15.58 31.13 -8.25
CA SER A 792 -16.88 30.80 -8.82
C SER A 792 -16.67 30.34 -10.25
N SER A 793 -17.56 29.46 -10.71
CA SER A 793 -17.44 28.92 -12.06
C SER A 793 -18.80 28.53 -12.59
N LEU A 794 -18.88 28.41 -13.92
CA LEU A 794 -20.07 28.00 -14.63
C LEU A 794 -19.66 27.07 -15.76
N GLU A 795 -20.47 26.05 -16.01
CA GLU A 795 -20.07 25.04 -16.98
C GLU A 795 -21.28 24.34 -17.58
N TYR A 796 -21.26 24.16 -18.90
CA TYR A 796 -22.10 23.18 -19.57
C TYR A 796 -21.50 21.80 -19.34
N ARG A 797 -22.35 20.82 -19.05
CA ARG A 797 -21.91 19.43 -18.92
C ARG A 797 -22.84 18.57 -19.75
N TYR A 798 -22.29 17.92 -20.78
CA TYR A 798 -23.07 17.10 -21.69
C TYR A 798 -22.68 15.64 -21.53
N ASP A 799 -23.68 14.79 -21.35
CA ASP A 799 -23.47 13.36 -21.19
C ASP A 799 -23.37 12.73 -22.56
N PHE A 800 -22.20 12.18 -22.88
CA PHE A 800 -21.99 11.46 -24.12
C PHE A 800 -22.76 10.14 -24.02
N GLY A 801 -23.61 9.86 -25.01
CA GLY A 801 -24.50 8.72 -24.92
C GLY A 801 -23.80 7.39 -25.04
N LEU A 802 -22.84 7.14 -24.16
CA LEU A 802 -22.12 5.87 -24.13
C LEU A 802 -22.34 5.20 -22.79
N SER A 803 -22.70 3.92 -22.84
CA SER A 803 -22.93 3.12 -21.64
C SER A 803 -22.54 1.69 -21.91
N GLY A 804 -22.29 0.95 -20.83
CA GLY A 804 -21.87 -0.43 -20.98
C GLY A 804 -20.44 -0.52 -21.47
N GLY A 805 -20.08 -1.69 -21.98
CA GLY A 805 -18.71 -1.91 -22.41
C GLY A 805 -17.74 -1.85 -21.25
N VAL A 806 -16.55 -1.29 -21.50
CA VAL A 806 -15.53 -1.14 -20.48
C VAL A 806 -15.56 0.23 -19.82
N ALA A 807 -16.21 1.21 -20.45
CA ALA A 807 -16.32 2.55 -19.90
C ALA A 807 -17.74 2.78 -19.41
N GLN A 808 -17.89 2.97 -18.10
CA GLN A 808 -19.22 3.12 -17.52
C GLN A 808 -19.90 4.39 -17.99
N GLY A 809 -19.14 5.40 -18.36
CA GLY A 809 -19.74 6.63 -18.88
C GLY A 809 -18.67 7.63 -19.25
N LEU A 810 -19.10 8.65 -20.00
CA LEU A 810 -18.21 9.70 -20.44
C LEU A 810 -19.01 10.98 -20.57
N TYR A 811 -18.49 12.07 -20.00
CA TYR A 811 -19.12 13.37 -20.08
C TYR A 811 -18.11 14.41 -20.51
N GLY A 812 -18.60 15.51 -21.09
CA GLY A 812 -17.74 16.60 -21.50
C GLY A 812 -18.24 17.91 -20.94
N VAL A 813 -17.31 18.85 -20.76
CA VAL A 813 -17.60 20.13 -20.13
C VAL A 813 -16.85 21.25 -20.86
N LEU A 814 -17.53 22.37 -21.04
CA LEU A 814 -16.92 23.62 -21.47
C LEU A 814 -17.14 24.64 -20.36
N PHE A 815 -16.07 25.02 -19.67
CA PHE A 815 -16.23 25.76 -18.43
C PHE A 815 -15.65 27.17 -18.55
N ALA A 816 -16.20 28.08 -17.75
CA ALA A 816 -15.63 29.39 -17.52
C ALA A 816 -15.49 29.57 -16.02
N ASP A 817 -14.31 30.02 -15.58
CA ASP A 817 -13.98 30.08 -14.17
C ASP A 817 -13.35 31.44 -13.86
N TYR A 818 -13.76 32.02 -12.73
CA TYR A 818 -13.23 33.30 -12.27
C TYR A 818 -13.09 33.25 -10.76
N GLY A 819 -11.96 33.75 -10.26
CA GLY A 819 -11.76 33.78 -8.82
C GLY A 819 -10.39 34.32 -8.50
N GLY A 820 -10.17 34.54 -7.20
CA GLY A 820 -8.89 35.04 -6.73
C GLY A 820 -8.89 35.17 -5.24
N VAL A 821 -7.75 35.65 -4.73
CA VAL A 821 -7.53 35.80 -3.30
C VAL A 821 -7.31 37.27 -2.97
N TRP A 822 -7.40 37.58 -1.69
CA TRP A 822 -6.96 38.86 -1.16
C TRP A 822 -6.49 38.64 0.28
N ASN A 823 -5.69 39.57 0.76
CA ASN A 823 -5.12 39.47 2.10
C ASN A 823 -5.74 40.55 2.99
N SER A 824 -5.21 40.68 4.21
CA SER A 824 -5.68 41.73 5.11
C SER A 824 -5.49 43.10 4.48
N GLY A 825 -4.33 43.35 3.87
CA GLY A 825 -4.19 44.47 2.98
C GLY A 825 -5.04 44.22 1.74
N GLU A 826 -6.03 45.08 1.50
CA GLU A 826 -7.04 44.79 0.49
C GLU A 826 -6.41 44.88 -0.90
N ALA A 827 -6.17 43.71 -1.49
CA ALA A 827 -5.63 43.62 -2.84
C ALA A 827 -6.22 42.36 -3.49
N PHE A 828 -7.21 42.56 -4.34
CA PHE A 828 -8.01 41.46 -4.90
C PHE A 828 -7.27 40.93 -6.13
N ARG A 829 -6.31 40.03 -5.89
CA ARG A 829 -5.49 39.45 -6.94
C ARG A 829 -6.18 38.20 -7.45
N SER A 830 -6.53 38.18 -8.74
CA SER A 830 -7.40 37.15 -9.26
C SER A 830 -6.94 36.72 -10.65
N ALA A 831 -7.73 35.86 -11.28
CA ALA A 831 -7.37 35.32 -12.58
C ALA A 831 -8.63 34.85 -13.30
N TYR A 832 -8.49 34.59 -14.60
CA TYR A 832 -9.54 34.04 -15.44
C TYR A 832 -9.22 32.59 -15.72
N GLY A 833 -10.16 31.86 -16.29
CA GLY A 833 -9.93 30.52 -16.78
C GLY A 833 -11.00 30.08 -17.75
N VAL A 834 -10.57 29.55 -18.90
CA VAL A 834 -11.49 29.00 -19.90
C VAL A 834 -10.91 27.70 -20.41
N GLY A 835 -11.74 26.67 -20.52
CA GLY A 835 -11.22 25.42 -21.03
C GLY A 835 -12.29 24.39 -21.28
N ALA A 836 -11.84 23.23 -21.75
CA ALA A 836 -12.68 22.10 -22.09
C ALA A 836 -12.14 20.84 -21.44
N GLY A 837 -13.02 20.07 -20.82
CA GLY A 837 -12.60 18.88 -20.12
C GLY A 837 -13.51 17.70 -20.43
N VAL A 838 -13.00 16.51 -20.13
CA VAL A 838 -13.73 15.27 -20.31
C VAL A 838 -13.53 14.40 -19.09
N GLN A 839 -14.62 13.84 -18.59
CA GLN A 839 -14.59 12.89 -17.49
C GLN A 839 -14.97 11.51 -18.00
N LEU A 840 -14.17 10.52 -17.64
CA LEU A 840 -14.40 9.13 -18.06
C LEU A 840 -14.47 8.25 -16.83
N ASN A 841 -15.51 7.41 -16.76
CA ASN A 841 -15.70 6.49 -15.65
C ASN A 841 -15.43 5.06 -16.13
N LEU A 842 -14.42 4.43 -15.57
CA LEU A 842 -14.02 3.08 -15.95
C LEU A 842 -14.65 2.08 -15.01
N GLY A 843 -15.16 0.98 -15.56
CA GLY A 843 -15.80 -0.03 -14.74
C GLY A 843 -15.52 -1.46 -15.14
N PHE A 844 -14.39 -1.71 -15.80
CA PHE A 844 -14.04 -3.05 -16.23
C PHE A 844 -13.20 -3.79 -15.19
N GLY A 845 -13.67 -3.78 -13.95
CA GLY A 845 -12.99 -4.47 -12.88
C GLY A 845 -13.96 -5.14 -11.91
N GLY A 846 -15.17 -5.40 -12.37
CA GLY A 846 -16.20 -5.97 -11.51
C GLY A 846 -16.87 -4.93 -10.65
N ALA A 847 -16.11 -3.91 -10.26
CA ALA A 847 -16.64 -2.77 -9.52
C ALA A 847 -15.99 -1.52 -10.06
N GLN A 848 -16.65 -0.39 -9.86
CA GLN A 848 -16.25 0.89 -10.46
C GLN A 848 -14.93 1.34 -9.86
N LEU A 849 -13.90 1.43 -10.70
CA LEU A 849 -12.66 2.06 -10.30
C LEU A 849 -12.81 3.58 -10.40
N PRO A 850 -12.00 4.35 -9.67
CA PRO A 850 -12.25 5.79 -9.57
C PRO A 850 -12.22 6.49 -10.91
N SER A 851 -13.11 7.46 -11.08
CA SER A 851 -13.26 8.17 -12.33
C SER A 851 -12.05 9.07 -12.60
N LEU A 852 -11.83 9.36 -13.87
CA LEU A 852 -10.73 10.21 -14.32
C LEU A 852 -11.28 11.47 -14.95
N ARG A 853 -10.55 12.57 -14.82
CA ARG A 853 -10.95 13.84 -15.42
C ARG A 853 -9.74 14.49 -16.05
N PHE A 854 -9.77 14.63 -17.37
CA PHE A 854 -8.70 15.29 -18.13
C PHE A 854 -9.23 16.61 -18.65
N ASP A 855 -8.53 17.70 -18.36
CA ASP A 855 -9.00 19.02 -18.72
C ASP A 855 -7.89 19.80 -19.43
N TYR A 856 -8.29 20.67 -20.35
CA TYR A 856 -7.37 21.59 -21.02
C TYR A 856 -7.85 23.00 -20.74
N GLY A 857 -7.01 23.80 -20.10
CA GLY A 857 -7.42 25.10 -19.63
C GLY A 857 -6.40 26.18 -19.94
N TYR A 858 -6.91 27.41 -20.07
CA TYR A 858 -6.11 28.58 -20.36
C TYR A 858 -6.48 29.68 -19.37
N SER A 859 -5.48 30.46 -18.99
CA SER A 859 -5.68 31.58 -18.08
C SER A 859 -4.80 32.74 -18.53
N GLY A 860 -5.36 33.95 -18.48
CA GLY A 860 -4.60 35.12 -18.88
C GLY A 860 -3.55 35.53 -17.86
N GLN A 861 -3.70 35.08 -16.62
CA GLN A 861 -2.78 35.45 -15.55
C GLN A 861 -1.67 34.42 -15.34
N ASN A 862 -1.59 33.39 -16.18
CA ASN A 862 -0.47 32.47 -16.12
C ASN A 862 0.81 33.15 -16.57
N ALA A 863 1.93 32.80 -15.94
CA ALA A 863 3.19 33.48 -16.19
C ALA A 863 4.03 32.77 -17.25
N GLN A 864 4.43 31.52 -16.98
CA GLN A 864 5.36 30.82 -17.84
C GLN A 864 4.68 29.99 -18.92
N LYS A 865 3.36 29.93 -18.95
CA LYS A 865 2.61 29.18 -19.96
C LYS A 865 1.64 30.13 -20.64
N PRO A 866 2.07 30.86 -21.67
CA PRO A 866 1.13 31.69 -22.42
C PRO A 866 0.01 30.89 -23.07
N ASN A 867 0.30 29.67 -23.49
CA ASN A 867 -0.73 28.75 -23.94
C ASN A 867 -1.27 27.98 -22.74
N GLY A 868 -2.44 27.37 -22.94
CA GLY A 868 -3.06 26.58 -21.90
C GLY A 868 -2.28 25.30 -21.64
N ARG A 869 -2.71 24.59 -20.60
CA ARG A 869 -2.07 23.33 -20.24
C ARG A 869 -3.12 22.36 -19.74
N PHE A 870 -2.67 21.15 -19.42
CA PHE A 870 -3.56 20.05 -19.06
C PHE A 870 -3.60 19.88 -17.55
N HIS A 871 -4.77 19.50 -17.05
CA HIS A 871 -4.98 19.19 -15.65
C HIS A 871 -5.58 17.79 -15.55
N PHE A 872 -4.97 16.96 -14.71
CA PHE A 872 -5.45 15.60 -14.48
C PHE A 872 -5.93 15.51 -13.04
N ARG A 873 -7.16 15.04 -12.86
CA ARG A 873 -7.72 14.91 -11.52
C ARG A 873 -8.51 13.62 -11.43
N ILE A 874 -8.23 12.82 -10.42
CA ILE A 874 -9.03 11.65 -10.12
C ILE A 874 -10.03 12.08 -9.04
N GLY A 875 -11.27 12.27 -9.43
CA GLY A 875 -12.27 12.75 -8.50
C GLY A 875 -13.65 12.72 -9.11
N ASN A 876 -14.63 13.08 -8.29
CA ASN A 876 -16.01 13.06 -8.72
C ASN A 876 -16.25 14.27 -9.63
N PHE A 877 -17.46 14.33 -10.19
CA PHE A 877 -17.78 15.40 -11.14
C PHE A 877 -18.06 16.71 -10.42
N TRP A 878 -18.38 16.64 -9.13
CA TRP A 878 -18.89 17.74 -8.30
C TRP A 878 -20.08 18.49 -8.91
N ARG B 510 -13.93 2.36 -6.79
CA ARG B 510 -13.20 1.84 -5.65
C ARG B 510 -12.27 0.71 -6.03
N THR B 511 -11.73 0.75 -7.25
CA THR B 511 -10.78 -0.22 -7.81
C THR B 511 -11.20 -1.67 -7.57
N GLY B 512 -12.49 -1.90 -7.40
CA GLY B 512 -12.96 -3.22 -7.06
C GLY B 512 -12.45 -3.61 -5.69
N ILE B 513 -11.90 -4.82 -5.60
CA ILE B 513 -11.45 -5.36 -4.33
C ILE B 513 -10.06 -5.94 -4.46
N PRO B 514 -9.10 -5.50 -3.66
CA PRO B 514 -7.88 -6.29 -3.49
C PRO B 514 -8.10 -7.37 -2.45
N VAL B 515 -7.99 -8.63 -2.88
CA VAL B 515 -8.43 -9.76 -2.05
C VAL B 515 -7.72 -9.75 -0.70
N ASN B 516 -6.49 -9.26 -0.65
CA ASN B 516 -5.74 -9.32 0.59
C ASN B 516 -4.71 -8.20 0.63
N LEU B 517 -4.65 -7.53 1.76
CA LEU B 517 -3.48 -6.72 2.12
C LEU B 517 -2.58 -7.63 2.95
N SER B 518 -1.85 -8.49 2.28
CA SER B 518 -1.02 -9.51 2.92
C SER B 518 0.08 -8.84 3.72
N LEU B 519 0.07 -9.02 5.03
CA LEU B 519 1.14 -8.54 5.89
C LEU B 519 2.15 -9.66 6.04
N GLY B 520 3.33 -9.46 5.47
CA GLY B 520 4.37 -10.48 5.51
C GLY B 520 5.61 -9.97 6.22
N TYR B 521 6.24 -10.86 6.98
CA TYR B 521 7.49 -10.57 7.66
C TYR B 521 8.53 -11.57 7.17
N ASP B 522 9.71 -11.08 6.81
CA ASP B 522 10.81 -11.94 6.42
C ASP B 522 12.08 -11.16 6.74
N SER B 523 12.69 -11.48 7.88
CA SER B 523 13.82 -10.71 8.38
C SER B 523 15.02 -10.76 7.45
N LEU B 524 15.09 -11.77 6.58
CA LEU B 524 16.16 -11.80 5.60
C LEU B 524 16.07 -10.63 4.64
N GLN B 525 14.89 -10.43 4.04
CA GLN B 525 14.72 -9.41 3.02
C GLN B 525 14.51 -8.04 3.64
N GLY B 526 13.57 -7.94 4.58
CA GLY B 526 13.26 -6.64 5.15
C GLY B 526 12.44 -6.70 6.42
N GLY B 527 12.29 -5.54 7.07
CA GLY B 527 11.58 -5.48 8.33
C GLY B 527 10.14 -5.97 8.27
N TRP B 528 9.36 -5.44 7.34
CA TRP B 528 7.96 -5.79 7.20
C TRP B 528 7.56 -5.66 5.74
N SER B 529 6.47 -6.32 5.36
CA SER B 529 6.02 -6.28 3.98
C SER B 529 4.51 -6.27 3.93
N GLY B 530 3.97 -5.60 2.92
CA GLY B 530 2.53 -5.56 2.72
C GLY B 530 2.17 -5.61 1.25
N ASP B 531 1.40 -6.61 0.84
CA ASP B 531 1.05 -6.80 -0.56
C ASP B 531 -0.46 -6.75 -0.73
N VAL B 532 -0.93 -5.93 -1.66
CA VAL B 532 -2.33 -5.90 -2.06
C VAL B 532 -2.45 -6.65 -3.37
N ALA B 533 -3.37 -7.62 -3.41
CA ALA B 533 -3.50 -8.53 -4.54
C ALA B 533 -4.92 -8.50 -5.06
N TYR B 534 -5.08 -8.10 -6.32
CA TYR B 534 -6.36 -8.12 -7.01
C TYR B 534 -6.35 -9.31 -7.95
N THR B 535 -7.23 -10.28 -7.69
CA THR B 535 -7.38 -11.41 -8.57
C THR B 535 -8.74 -11.33 -9.26
N ASN B 536 -8.81 -11.93 -10.44
CA ASN B 536 -10.06 -11.99 -11.20
C ASN B 536 -10.07 -13.36 -11.88
N SER B 537 -10.92 -14.26 -11.37
CA SER B 537 -10.93 -15.63 -11.86
C SER B 537 -11.45 -15.71 -13.29
N ASN B 538 -12.52 -14.98 -13.59
CA ASN B 538 -13.09 -14.96 -14.92
C ASN B 538 -12.76 -13.64 -15.61
N ALA B 539 -12.09 -13.73 -16.74
CA ALA B 539 -11.72 -12.54 -17.50
C ALA B 539 -11.82 -12.87 -18.98
N PHE B 540 -12.12 -11.85 -19.78
CA PHE B 540 -12.29 -11.96 -21.21
C PHE B 540 -13.33 -13.00 -21.62
N GLY B 541 -14.20 -13.38 -20.68
CA GLY B 541 -15.38 -14.16 -20.98
C GLY B 541 -15.19 -15.66 -21.08
N LEU B 542 -13.97 -16.18 -20.92
CA LEU B 542 -13.79 -17.62 -21.08
C LEU B 542 -12.86 -18.18 -19.98
N GLY B 543 -13.03 -17.74 -18.74
CA GLY B 543 -12.33 -18.36 -17.63
C GLY B 543 -10.82 -18.16 -17.64
N HIS B 544 -10.38 -16.93 -17.82
CA HIS B 544 -8.97 -16.59 -17.78
C HIS B 544 -8.66 -15.88 -16.47
N SER B 545 -7.58 -16.29 -15.80
CA SER B 545 -7.29 -15.78 -14.47
C SER B 545 -6.26 -14.66 -14.57
N PHE B 546 -6.63 -13.47 -14.09
CA PHE B 546 -5.78 -12.29 -14.14
C PHE B 546 -5.51 -11.80 -12.73
N GLY B 547 -4.25 -11.74 -12.34
CA GLY B 547 -3.88 -11.31 -11.00
C GLY B 547 -2.83 -10.23 -11.04
N VAL B 548 -3.02 -9.23 -10.19
CA VAL B 548 -2.09 -8.10 -10.07
C VAL B 548 -1.72 -7.96 -8.61
N ARG B 549 -0.43 -8.07 -8.31
CA ARG B 549 0.07 -7.92 -6.95
C ARG B 549 0.91 -6.65 -6.90
N LEU B 550 0.74 -5.87 -5.84
CA LEU B 550 1.59 -4.70 -5.63
C LEU B 550 1.92 -4.62 -4.15
N GLY B 551 3.20 -4.61 -3.82
CA GLY B 551 3.62 -4.69 -2.44
C GLY B 551 4.64 -3.62 -2.11
N ALA B 552 4.68 -3.27 -0.83
CA ALA B 552 5.69 -2.39 -0.29
C ALA B 552 6.47 -3.17 0.76
N VAL B 553 7.78 -3.15 0.66
CA VAL B 553 8.65 -3.94 1.53
C VAL B 553 9.63 -3.01 2.22
N GLN B 554 9.71 -3.13 3.54
CA GLN B 554 10.55 -2.25 4.33
C GLN B 554 11.99 -2.57 3.98
N ASN B 555 12.55 -1.78 3.10
CA ASN B 555 13.86 -2.05 2.52
C ASN B 555 14.99 -1.33 3.22
N GLN B 556 14.68 -0.31 4.01
CA GLN B 556 15.65 0.66 4.53
C GLN B 556 16.72 0.99 3.49
N ALA B 557 16.25 1.24 2.26
CA ALA B 557 17.13 1.43 1.11
C ALA B 557 16.36 2.23 0.06
N GLY B 558 16.90 2.25 -1.15
CA GLY B 558 16.30 3.08 -2.20
C GLY B 558 14.97 2.56 -2.69
N GLN B 559 14.93 1.30 -3.14
CA GLN B 559 13.75 0.73 -3.76
C GLN B 559 12.79 0.24 -2.68
N ASN B 560 11.51 0.60 -2.82
CA ASN B 560 10.52 0.33 -1.79
C ASN B 560 9.24 -0.30 -2.32
N TRP B 561 9.08 -0.40 -3.64
CA TRP B 561 7.84 -0.89 -4.23
C TRP B 561 8.13 -2.06 -5.17
N VAL B 562 7.47 -3.18 -4.94
CA VAL B 562 7.59 -4.37 -5.77
C VAL B 562 6.22 -4.65 -6.38
N GLY B 563 6.22 -5.40 -7.47
CA GLY B 563 4.99 -5.64 -8.19
C GLY B 563 5.03 -6.95 -8.95
N SER B 564 3.86 -7.39 -9.40
CA SER B 564 3.73 -8.62 -10.15
C SER B 564 2.42 -8.57 -10.92
N LEU B 565 2.38 -9.28 -12.04
CA LEU B 565 1.21 -9.32 -12.91
C LEU B 565 1.22 -10.67 -13.60
N ASN B 566 0.35 -11.58 -13.17
CA ASN B 566 0.29 -12.90 -13.76
C ASN B 566 -1.06 -13.10 -14.45
N TYR B 567 -1.04 -13.96 -15.46
CA TYR B 567 -2.21 -14.22 -16.29
C TYR B 567 -2.16 -15.69 -16.67
N THR B 568 -3.02 -16.49 -16.06
CA THR B 568 -2.92 -17.93 -16.21
C THR B 568 -4.16 -18.49 -16.89
N ILE B 569 -3.93 -19.59 -17.61
CA ILE B 569 -4.87 -20.23 -18.51
C ILE B 569 -5.09 -21.66 -18.02
N PRO B 570 -6.24 -21.95 -17.42
CA PRO B 570 -6.63 -23.36 -17.20
C PRO B 570 -7.42 -23.85 -18.40
N TRP B 571 -7.27 -25.15 -18.70
CA TRP B 571 -7.87 -25.75 -19.89
C TRP B 571 -7.41 -25.06 -21.16
N LEU B 572 -6.10 -25.07 -21.38
CA LEU B 572 -5.60 -24.72 -22.70
C LEU B 572 -5.74 -25.94 -23.60
N ASP B 573 -6.46 -25.78 -24.70
CA ASP B 573 -6.68 -26.85 -25.66
C ASP B 573 -6.13 -26.38 -27.00
N LEU B 574 -4.83 -26.58 -27.20
CA LEU B 574 -4.16 -26.16 -28.42
C LEU B 574 -4.22 -27.22 -29.51
N ASP B 575 -4.75 -28.41 -29.20
CA ASP B 575 -4.81 -29.54 -30.12
C ASP B 575 -3.42 -29.96 -30.59
N PHE B 576 -2.40 -29.51 -29.85
CA PHE B 576 -1.01 -29.81 -30.18
C PHE B 576 -0.35 -30.42 -28.96
N ALA B 577 0.56 -31.36 -29.20
CA ALA B 577 1.32 -32.02 -28.14
C ALA B 577 0.40 -32.69 -27.13
N ASP B 578 -0.53 -33.52 -27.61
CA ASP B 578 -1.38 -34.42 -26.84
C ASP B 578 -2.24 -33.72 -25.79
N PHE B 579 -2.39 -32.39 -25.87
CA PHE B 579 -3.05 -31.61 -24.81
C PHE B 579 -4.56 -31.84 -24.83
N ARG B 580 -4.96 -33.05 -24.43
CA ARG B 580 -6.37 -33.39 -24.34
C ARG B 580 -6.86 -33.69 -22.93
N LYS B 581 -5.97 -33.92 -21.97
CA LYS B 581 -6.37 -34.24 -20.62
C LYS B 581 -6.12 -33.05 -19.70
N ASN B 582 -6.48 -33.21 -18.43
CA ASN B 582 -6.38 -32.15 -17.43
C ASN B 582 -4.90 -31.98 -17.11
N ARG B 583 -4.17 -31.29 -18.01
CA ARG B 583 -2.71 -31.30 -18.02
C ARG B 583 -2.10 -29.97 -18.43
N THR B 584 -2.91 -28.94 -18.65
CA THR B 584 -2.43 -27.69 -19.22
C THR B 584 -2.81 -26.52 -18.31
N SER B 585 -1.81 -25.79 -17.82
CA SER B 585 -2.01 -24.48 -17.23
C SER B 585 -0.89 -23.57 -17.74
N LEU B 586 -1.25 -22.60 -18.58
CA LEU B 586 -0.25 -21.75 -19.23
C LEU B 586 -0.30 -20.36 -18.64
N SER B 587 0.81 -19.91 -18.06
CA SER B 587 0.80 -18.67 -17.28
C SER B 587 1.89 -17.72 -17.74
N PHE B 588 1.50 -16.47 -17.99
CA PHE B 588 2.44 -15.38 -18.20
C PHE B 588 2.64 -14.65 -16.89
N GLY B 589 3.88 -14.20 -16.65
CA GLY B 589 4.14 -13.41 -15.47
C GLY B 589 5.15 -12.30 -15.71
N VAL B 590 4.75 -11.06 -15.46
CA VAL B 590 5.65 -9.92 -15.54
C VAL B 590 5.76 -9.35 -14.13
N GLY B 591 6.97 -9.38 -13.57
CA GLY B 591 7.11 -8.99 -12.18
C GLY B 591 8.39 -8.22 -11.94
N SER B 592 8.48 -7.68 -10.72
CA SER B 592 9.67 -6.98 -10.27
C SER B 592 9.72 -7.09 -8.76
N ASP B 593 10.73 -7.77 -8.26
CA ASP B 593 10.92 -7.99 -6.83
C ASP B 593 12.25 -7.40 -6.38
N VAL B 594 12.45 -7.34 -5.08
CA VAL B 594 13.67 -6.79 -4.51
C VAL B 594 14.29 -7.80 -3.55
N GLY B 595 15.61 -7.91 -3.62
CA GLY B 595 16.39 -8.57 -2.57
C GLY B 595 17.11 -7.51 -1.77
N GLY B 596 16.90 -7.53 -0.46
CA GLY B 596 17.34 -6.45 0.38
C GLY B 596 18.38 -6.92 1.39
N ASN B 597 19.17 -5.95 1.86
CA ASN B 597 20.14 -6.14 2.93
C ASN B 597 21.20 -7.19 2.60
N ILE B 598 21.38 -7.51 1.32
CA ILE B 598 22.41 -8.46 0.93
C ILE B 598 23.78 -7.84 1.18
N ALA B 599 24.67 -8.61 1.80
CA ALA B 599 26.00 -8.12 2.11
C ALA B 599 26.78 -7.81 0.83
N LEU B 600 27.62 -6.79 0.90
CA LEU B 600 28.41 -6.37 -0.25
C LEU B 600 29.77 -7.04 -0.21
N LEU B 601 30.14 -7.71 -1.28
CA LEU B 601 31.38 -8.47 -1.37
C LEU B 601 32.17 -8.02 -2.59
N ASP B 602 33.39 -8.54 -2.69
CA ASP B 602 34.29 -8.26 -3.81
C ASP B 602 35.29 -9.39 -3.92
N ALA B 603 36.29 -9.22 -4.78
CA ALA B 603 37.32 -10.24 -4.94
C ALA B 603 38.13 -10.43 -3.67
N ASN B 604 38.18 -9.41 -2.81
CA ASN B 604 38.84 -9.52 -1.52
C ASN B 604 37.95 -10.15 -0.45
N LYS B 605 36.70 -10.45 -0.78
CA LYS B 605 35.73 -11.03 0.16
C LYS B 605 35.57 -10.14 1.39
N GLU B 606 35.53 -8.83 1.16
CA GLU B 606 35.45 -7.87 2.26
C GLU B 606 34.09 -7.93 2.92
N ASP B 607 34.07 -7.59 4.21
CA ASP B 607 32.83 -7.49 4.97
C ASP B 607 32.53 -6.06 5.40
N THR B 608 33.31 -5.09 4.95
CA THR B 608 33.13 -3.70 5.33
C THR B 608 32.19 -2.94 4.40
N GLY B 609 31.61 -3.60 3.40
CA GLY B 609 30.65 -2.92 2.55
C GLY B 609 29.39 -2.57 3.31
N ARG B 610 28.71 -1.52 2.84
CA ARG B 610 27.51 -1.06 3.53
C ARG B 610 26.34 -2.02 3.33
N ASP B 611 25.89 -2.16 2.09
CA ASP B 611 24.77 -3.04 1.76
C ASP B 611 24.72 -3.19 0.25
N TYR B 612 23.74 -3.98 -0.22
CA TYR B 612 23.63 -4.29 -1.63
C TYR B 612 22.20 -4.73 -1.89
N THR B 613 21.41 -3.88 -2.54
CA THR B 613 20.03 -4.19 -2.86
C THR B 613 19.90 -4.51 -4.34
N THR B 614 19.06 -5.47 -4.67
CA THR B 614 18.91 -5.97 -6.02
C THR B 614 17.46 -5.80 -6.48
N ARG B 615 17.29 -5.19 -7.65
CA ARG B 615 16.00 -5.13 -8.33
C ARG B 615 16.00 -6.21 -9.40
N THR B 616 15.01 -7.09 -9.36
CA THR B 616 14.87 -8.17 -10.33
C THR B 616 13.59 -7.91 -11.12
N ASN B 617 13.74 -7.59 -12.40
CA ASN B 617 12.60 -7.43 -13.30
C ASN B 617 12.56 -8.66 -14.19
N GLY B 618 11.49 -9.43 -14.08
CA GLY B 618 11.40 -10.73 -14.72
C GLY B 618 10.19 -10.86 -15.62
N PHE B 619 10.37 -11.57 -16.74
CA PHE B 619 9.28 -11.96 -17.61
C PHE B 619 9.35 -13.48 -17.75
N SER B 620 8.29 -14.17 -17.35
CA SER B 620 8.31 -15.62 -17.24
C SER B 620 7.10 -16.23 -17.94
N LEU B 621 7.31 -17.41 -18.51
CA LEU B 621 6.25 -18.21 -19.11
C LEU B 621 6.31 -19.59 -18.48
N GLY B 622 5.18 -20.08 -18.02
CA GLY B 622 5.13 -21.34 -17.30
C GLY B 622 4.06 -22.27 -17.83
N LEU B 623 4.43 -23.53 -17.98
CA LEU B 623 3.52 -24.59 -18.40
C LEU B 623 3.38 -25.57 -17.25
N GLY B 624 2.15 -25.78 -16.78
CA GLY B 624 1.89 -26.60 -15.62
C GLY B 624 1.05 -27.81 -15.98
N ARG B 625 1.32 -28.91 -15.30
CA ARG B 625 0.76 -30.21 -15.60
C ARG B 625 0.24 -30.81 -14.31
N ASN B 626 -0.90 -31.48 -14.39
CA ASN B 626 -1.41 -32.25 -13.26
C ASN B 626 -1.44 -33.72 -13.64
N ILE B 627 -0.54 -34.50 -13.05
CA ILE B 627 -0.40 -35.91 -13.36
C ILE B 627 -1.50 -36.73 -12.71
N THR B 628 -1.55 -36.73 -11.38
CA THR B 628 -2.63 -37.26 -10.58
C THR B 628 -3.05 -36.14 -9.64
N PRO B 629 -4.29 -36.13 -9.17
CA PRO B 629 -4.72 -35.03 -8.28
C PRO B 629 -3.81 -34.79 -7.09
N ASN B 630 -3.03 -35.80 -6.69
CA ASN B 630 -2.02 -35.57 -5.67
C ASN B 630 -0.80 -34.83 -6.24
N LEU B 631 -0.37 -35.20 -7.44
CA LEU B 631 0.89 -34.72 -8.00
C LEU B 631 0.68 -33.47 -8.85
N THR B 632 1.73 -32.66 -8.95
CA THR B 632 1.74 -31.48 -9.80
C THR B 632 3.14 -31.27 -10.33
N ALA B 633 3.24 -30.80 -11.58
CA ALA B 633 4.53 -30.50 -12.18
C ALA B 633 4.42 -29.18 -12.92
N SER B 634 5.57 -28.55 -13.15
CA SER B 634 5.57 -27.29 -13.87
C SER B 634 6.95 -27.06 -14.48
N ALA B 635 6.97 -26.25 -15.54
CA ALA B 635 8.20 -25.85 -16.21
C ALA B 635 8.10 -24.37 -16.54
N ASN B 636 8.99 -23.57 -15.96
CA ASN B 636 8.98 -22.12 -16.11
C ASN B 636 10.27 -21.66 -16.75
N VAL B 637 10.15 -20.79 -17.76
CA VAL B 637 11.29 -20.12 -18.37
C VAL B 637 11.15 -18.63 -18.09
N ALA B 638 12.20 -18.04 -17.52
CA ALA B 638 12.13 -16.66 -17.05
C ALA B 638 13.37 -15.89 -17.47
N PHE B 639 13.16 -14.75 -18.13
CA PHE B 639 14.22 -13.80 -18.41
C PHE B 639 14.22 -12.75 -17.31
N ASN B 640 15.36 -12.60 -16.63
CA ASN B 640 15.48 -11.71 -15.49
C ASN B 640 16.56 -10.68 -15.76
N ASN B 641 16.26 -9.42 -15.48
CA ASN B 641 17.22 -8.34 -15.48
C ASN B 641 17.44 -7.92 -14.03
N ARG B 642 18.68 -8.04 -13.56
CA ARG B 642 19.05 -7.74 -12.19
C ARG B 642 19.90 -6.48 -12.17
N THR B 643 19.45 -5.49 -11.40
CA THR B 643 20.19 -4.25 -11.22
C THR B 643 20.53 -4.08 -9.74
N SER B 644 21.56 -3.30 -9.48
CA SER B 644 22.09 -3.12 -8.13
C SER B 644 21.90 -1.68 -7.68
N TYR B 645 21.79 -1.49 -6.37
CA TYR B 645 21.63 -0.15 -5.80
C TYR B 645 22.41 -0.06 -4.48
N LEU B 646 23.57 0.59 -4.54
CA LEU B 646 24.33 0.88 -3.33
C LEU B 646 23.53 1.83 -2.45
N GLU B 647 23.68 1.68 -1.14
CA GLU B 647 23.12 2.63 -0.19
C GLU B 647 24.15 3.01 0.86
N PRO B 648 24.13 4.25 1.34
CA PRO B 648 24.92 4.58 2.53
C PRO B 648 24.42 3.86 3.77
N LYS B 649 25.11 4.10 4.88
CA LYS B 649 24.85 3.39 6.13
C LYS B 649 23.44 3.68 6.63
N GLN B 650 22.77 2.66 7.16
CA GLN B 650 21.48 2.88 7.82
C GLN B 650 21.69 3.51 9.20
N GLU B 651 22.77 3.12 9.88
CA GLU B 651 23.09 3.64 11.20
C GLU B 651 24.58 3.45 11.43
N GLY B 652 24.99 3.58 12.69
CA GLY B 652 26.39 3.41 13.03
C GLY B 652 26.84 1.95 13.02
N GLU B 653 27.65 1.59 12.01
CA GLU B 653 28.26 0.27 11.96
C GLU B 653 29.68 0.42 11.46
N THR B 654 30.51 -0.57 11.78
CA THR B 654 31.93 -0.52 11.46
C THR B 654 32.13 -0.71 9.96
N SER B 655 32.52 0.36 9.28
CA SER B 655 32.81 0.30 7.86
C SER B 655 33.73 1.45 7.49
N ASN B 656 34.44 1.29 6.37
CA ASN B 656 35.33 2.32 5.85
C ASN B 656 35.38 2.20 4.34
N LEU B 657 34.54 2.97 3.65
CA LEU B 657 34.47 2.96 2.19
C LEU B 657 33.99 4.33 1.74
N ASP B 658 34.00 4.55 0.43
CA ASP B 658 33.49 5.77 -0.17
C ASP B 658 32.48 5.39 -1.25
N ASP B 659 31.75 6.40 -1.74
CA ASP B 659 30.67 6.15 -2.68
C ASP B 659 31.20 5.65 -4.03
N ALA B 660 32.29 6.23 -4.51
CA ALA B 660 32.75 5.91 -5.87
C ALA B 660 33.24 4.48 -5.98
N ALA B 661 34.14 4.07 -5.09
CA ALA B 661 34.68 2.71 -5.15
C ALA B 661 33.59 1.67 -4.88
N ALA B 662 32.70 1.95 -3.93
CA ALA B 662 31.61 1.02 -3.65
C ALA B 662 30.67 0.91 -4.84
N THR B 663 30.36 2.03 -5.50
CA THR B 663 29.53 1.97 -6.70
C THR B 663 30.22 1.17 -7.79
N ALA B 664 31.54 1.30 -7.90
CA ALA B 664 32.28 0.46 -8.83
C ALA B 664 32.21 -1.01 -8.46
N LEU B 665 32.11 -1.30 -7.15
CA LEU B 665 32.08 -2.68 -6.69
C LEU B 665 30.74 -3.38 -6.97
N LEU B 666 29.70 -2.63 -7.32
CA LEU B 666 28.41 -3.26 -7.60
C LEU B 666 28.49 -4.05 -8.89
N PRO B 667 28.10 -5.33 -8.90
CA PRO B 667 28.01 -6.07 -10.15
C PRO B 667 27.03 -5.40 -11.11
N ALA B 668 27.36 -5.44 -12.40
CA ALA B 668 26.59 -4.76 -13.41
C ALA B 668 25.20 -5.38 -13.55
N THR B 669 24.33 -4.66 -14.25
CA THR B 669 22.97 -5.16 -14.48
C THR B 669 23.04 -6.42 -15.35
N SER B 670 22.81 -7.56 -14.72
CA SER B 670 22.93 -8.84 -15.37
C SER B 670 21.63 -9.18 -16.09
N LEU B 671 21.76 -9.81 -17.25
CA LEU B 671 20.62 -10.33 -18.00
C LEU B 671 20.77 -11.83 -18.05
N THR B 672 19.82 -12.55 -17.45
CA THR B 672 19.90 -14.00 -17.32
C THR B 672 18.60 -14.63 -17.82
N THR B 673 18.71 -15.89 -18.21
CA THR B 673 17.57 -16.72 -18.56
C THR B 673 17.65 -18.00 -17.75
N ARG B 674 16.55 -18.36 -17.10
CA ARG B 674 16.49 -19.50 -16.21
C ARG B 674 15.34 -20.40 -16.62
N LEU B 675 15.64 -21.65 -16.96
CA LEU B 675 14.64 -22.65 -17.28
C LEU B 675 14.63 -23.67 -16.15
N SER B 676 13.47 -23.85 -15.52
CA SER B 676 13.38 -24.64 -14.30
C SER B 676 12.13 -25.51 -14.34
N GLY B 677 12.16 -26.56 -13.55
CA GLY B 677 11.02 -27.43 -13.38
C GLY B 677 10.77 -27.71 -11.92
N ASN B 678 9.49 -27.92 -11.60
CA ASN B 678 9.05 -28.16 -10.23
C ASN B 678 8.15 -29.39 -10.22
N LEU B 679 8.21 -30.15 -9.11
CA LEU B 679 7.39 -31.33 -8.94
C LEU B 679 6.98 -31.41 -7.47
N ASN B 680 5.67 -31.33 -7.22
CA ASN B 680 5.12 -31.31 -5.88
C ASN B 680 4.18 -32.48 -5.68
N TYR B 681 4.31 -33.16 -4.54
CA TYR B 681 3.57 -34.38 -4.25
C TYR B 681 2.97 -34.23 -2.85
N ASP B 682 1.65 -34.13 -2.76
CA ASP B 682 0.96 -34.02 -1.49
C ASP B 682 -0.21 -34.98 -1.46
N ASN B 683 -0.37 -35.70 -0.34
CA ASN B 683 -1.51 -36.58 -0.13
C ASN B 683 -2.01 -36.46 1.30
N THR B 684 -1.84 -35.29 1.90
CA THR B 684 -2.20 -35.08 3.30
C THR B 684 -3.71 -34.84 3.43
N ASP B 685 -4.18 -34.89 4.67
CA ASP B 685 -5.61 -34.79 4.94
C ASP B 685 -6.13 -33.36 4.93
N ASN B 686 -5.25 -32.36 4.95
CA ASN B 686 -5.67 -30.97 4.96
C ASN B 686 -4.48 -30.13 4.55
N VAL B 687 -4.60 -28.80 4.72
CA VAL B 687 -3.56 -27.88 4.27
C VAL B 687 -2.89 -27.13 5.41
N ASN B 688 -3.51 -27.04 6.60
CA ASN B 688 -2.92 -26.27 7.69
C ASN B 688 -2.37 -27.13 8.81
N PHE B 689 -3.08 -28.19 9.19
CA PHE B 689 -2.68 -29.05 10.29
C PHE B 689 -2.66 -30.48 9.78
N PRO B 690 -1.60 -30.88 9.07
CA PRO B 690 -1.57 -32.22 8.46
C PRO B 690 -1.54 -33.32 9.50
N GLY B 691 -2.54 -34.19 9.45
CA GLY B 691 -2.62 -35.30 10.39
C GLY B 691 -1.73 -36.47 10.01
N ARG B 692 -1.99 -37.05 8.84
CA ARG B 692 -1.29 -38.25 8.40
C ARG B 692 -0.99 -38.12 6.92
N GLY B 693 0.29 -38.02 6.58
CA GLY B 693 0.66 -37.96 5.17
C GLY B 693 2.10 -37.55 4.99
N VAL B 694 2.48 -37.43 3.72
CA VAL B 694 3.82 -37.05 3.31
C VAL B 694 3.73 -36.01 2.21
N ARG B 695 4.44 -34.90 2.38
CA ARG B 695 4.53 -33.83 1.40
C ARG B 695 5.97 -33.74 0.93
N ALA B 696 6.18 -33.85 -0.38
CA ALA B 696 7.50 -33.83 -0.96
C ALA B 696 7.54 -32.88 -2.15
N TYR B 697 8.72 -32.36 -2.43
CA TYR B 697 8.87 -31.47 -3.57
C TYR B 697 10.29 -31.52 -4.10
N GLY B 698 10.43 -31.25 -5.39
CA GLY B 698 11.72 -31.20 -6.04
C GLY B 698 11.75 -30.18 -7.16
N ALA B 699 12.70 -29.26 -7.11
CA ALA B 699 12.85 -28.22 -8.12
C ALA B 699 14.25 -28.28 -8.69
N LEU B 700 14.37 -27.95 -9.97
CA LEU B 700 15.65 -28.02 -10.67
C LEU B 700 15.68 -26.99 -11.78
N GLY B 701 16.67 -26.11 -11.74
CA GLY B 701 16.74 -25.06 -12.73
C GLY B 701 18.13 -24.78 -13.28
N TYR B 702 18.24 -24.69 -14.60
CA TYR B 702 19.48 -24.35 -15.29
C TYR B 702 19.35 -22.92 -15.83
N ASN B 703 20.34 -22.09 -15.55
CA ASN B 703 20.29 -20.69 -15.94
C ASN B 703 21.62 -20.21 -16.47
N VAL B 704 21.55 -19.19 -17.32
CA VAL B 704 22.72 -18.66 -18.01
C VAL B 704 22.50 -17.18 -18.25
N GLY B 705 23.53 -16.37 -18.02
CA GLY B 705 23.35 -14.94 -18.18
C GLY B 705 24.66 -14.20 -18.23
N ARG B 706 24.57 -12.97 -18.73
CA ARG B 706 25.70 -12.05 -18.83
C ARG B 706 25.61 -11.07 -17.66
N ALA B 707 26.64 -11.08 -16.80
CA ALA B 707 26.68 -10.15 -15.68
C ALA B 707 27.26 -8.81 -16.11
N GLY B 708 28.52 -8.81 -16.52
CA GLY B 708 29.15 -7.63 -17.08
C GLY B 708 29.47 -7.87 -18.54
N ASP B 709 30.73 -8.16 -18.83
CA ASP B 709 31.12 -8.60 -20.16
C ASP B 709 31.41 -10.09 -20.23
N ALA B 710 31.23 -10.84 -19.15
CA ALA B 710 31.54 -12.26 -19.13
C ALA B 710 30.28 -13.08 -18.93
N PRO B 711 30.09 -14.16 -19.68
CA PRO B 711 28.93 -15.02 -19.49
C PRO B 711 29.06 -16.18 -18.49
N LEU B 712 28.19 -16.17 -17.50
CA LEU B 712 28.20 -17.17 -16.44
C LEU B 712 26.94 -18.01 -16.49
N SER B 713 27.12 -19.33 -16.43
CA SER B 713 26.02 -20.28 -16.49
C SER B 713 26.19 -21.32 -15.40
N TRP B 714 25.08 -21.70 -14.78
CA TRP B 714 25.10 -22.69 -13.71
C TRP B 714 23.74 -23.37 -13.62
N THR B 715 23.60 -24.23 -12.61
CA THR B 715 22.34 -24.91 -12.36
C THR B 715 22.21 -25.12 -10.87
N ASP B 716 20.97 -25.34 -10.44
CA ASP B 716 20.70 -25.56 -9.02
C ASP B 716 19.50 -26.51 -8.90
N GLY B 717 19.37 -27.07 -7.71
CA GLY B 717 18.29 -28.00 -7.44
C GLY B 717 18.03 -28.08 -5.96
N GLU B 718 16.85 -28.58 -5.62
CA GLU B 718 16.46 -28.71 -4.23
C GLU B 718 15.40 -29.79 -4.10
N ILE B 719 15.62 -30.71 -3.16
CA ILE B 719 14.65 -31.75 -2.85
C ILE B 719 14.21 -31.54 -1.41
N GLY B 720 13.03 -32.09 -1.09
CA GLY B 720 12.56 -31.99 0.27
C GLY B 720 11.41 -32.93 0.56
N VAL B 721 11.46 -33.61 1.70
CA VAL B 721 10.38 -34.49 2.13
C VAL B 721 9.93 -34.07 3.52
N SER B 722 8.68 -34.36 3.83
CA SER B 722 8.11 -34.06 5.13
C SER B 722 7.04 -35.09 5.44
N GLY B 723 7.02 -35.57 6.68
CA GLY B 723 6.03 -36.53 7.10
C GLY B 723 5.33 -36.10 8.36
N TYR B 724 4.01 -36.24 8.39
CA TYR B 724 3.19 -35.83 9.52
C TYR B 724 2.35 -37.02 9.97
N TYR B 725 2.50 -37.41 11.24
CA TYR B 725 1.76 -38.53 11.81
C TYR B 725 1.06 -38.06 13.07
N GLY B 726 -0.25 -38.22 13.12
CA GLY B 726 -1.00 -37.83 14.31
C GLY B 726 -0.72 -38.76 15.48
N PHE B 727 -0.93 -38.22 16.69
CA PHE B 727 -0.62 -38.94 17.94
C PHE B 727 -1.83 -38.91 18.86
N GLY B 728 -2.75 -39.85 18.67
CA GLY B 728 -3.81 -40.09 19.63
C GLY B 728 -4.74 -38.92 19.91
N GLY B 729 -5.24 -38.27 18.87
CA GLY B 729 -6.11 -37.13 19.08
C GLY B 729 -7.27 -37.11 18.12
N ARG B 730 -8.35 -36.47 18.56
CA ARG B 730 -9.56 -36.29 17.76
C ARG B 730 -10.20 -34.96 18.13
N ILE B 731 -9.98 -33.95 17.30
CA ILE B 731 -10.61 -32.65 17.47
C ILE B 731 -11.57 -32.42 16.31
N LYS B 732 -12.81 -32.08 16.64
CA LYS B 732 -13.88 -32.02 15.66
C LYS B 732 -14.39 -30.59 15.52
N ARG B 733 -13.82 -29.85 14.58
CA ARG B 733 -14.49 -28.69 14.00
C ARG B 733 -15.46 -29.28 12.98
N SER B 734 -16.77 -29.04 13.21
CA SER B 734 -17.80 -29.67 12.38
C SER B 734 -17.60 -29.35 10.91
N PHE B 735 -17.15 -28.14 10.61
CA PHE B 735 -16.82 -27.80 9.22
C PHE B 735 -15.48 -28.42 8.82
N GLY B 736 -14.48 -28.34 9.68
CA GLY B 736 -13.13 -28.69 9.30
C GLY B 736 -12.66 -30.10 9.59
N LEU B 737 -13.53 -31.08 9.36
CA LEU B 737 -13.21 -32.51 9.44
C LEU B 737 -12.57 -32.81 10.82
N GLU B 738 -11.63 -33.75 10.89
CA GLU B 738 -11.04 -34.14 12.17
C GLU B 738 -9.53 -34.00 12.07
N THR B 739 -8.93 -33.36 13.06
CA THR B 739 -7.47 -33.23 13.17
C THR B 739 -7.03 -33.78 14.52
N TYR B 740 -5.84 -34.36 14.56
CA TYR B 740 -5.34 -34.94 15.80
C TYR B 740 -4.94 -33.84 16.77
N ARG B 741 -5.03 -34.15 18.06
CA ARG B 741 -4.52 -33.22 19.08
C ARG B 741 -3.01 -33.06 18.97
N GLN B 742 -2.29 -34.17 18.86
CA GLN B 742 -0.83 -34.17 18.81
C GLN B 742 -0.38 -34.78 17.50
N VAL B 743 0.58 -34.14 16.84
CA VAL B 743 1.11 -34.61 15.57
C VAL B 743 2.63 -34.47 15.59
N LEU B 744 3.33 -35.55 15.25
CA LEU B 744 4.77 -35.51 15.05
C LEU B 744 5.06 -35.20 13.59
N ALA B 745 5.90 -34.19 13.36
CA ALA B 745 6.27 -33.76 12.01
C ALA B 745 7.78 -33.85 11.87
N ALA B 746 8.23 -34.48 10.79
CA ALA B 746 9.66 -34.63 10.52
C ALA B 746 9.93 -34.26 9.08
N ARG B 747 10.81 -33.29 8.86
CA ARG B 747 11.12 -32.81 7.52
C ARG B 747 12.62 -32.86 7.28
N ALA B 748 12.99 -33.05 6.03
CA ALA B 748 14.39 -33.01 5.60
C ALA B 748 14.45 -32.43 4.20
N ASN B 749 15.20 -31.34 4.04
CA ASN B 749 15.36 -30.67 2.76
C ASN B 749 16.84 -30.54 2.44
N THR B 750 17.15 -30.56 1.14
CA THR B 750 18.52 -30.45 0.66
C THR B 750 18.52 -29.62 -0.60
N GLY B 751 19.65 -28.98 -0.89
CA GLY B 751 19.78 -28.18 -2.09
C GLY B 751 21.22 -28.07 -2.53
N THR B 752 21.41 -27.94 -3.84
CA THR B 752 22.73 -27.87 -4.44
C THR B 752 22.74 -26.82 -5.53
N THR B 753 23.93 -26.30 -5.80
CA THR B 753 24.16 -25.38 -6.92
C THR B 753 25.52 -25.69 -7.53
N THR B 754 25.52 -26.12 -8.79
CA THR B 754 26.73 -26.55 -9.46
C THR B 754 26.95 -25.73 -10.73
N GLY B 755 28.22 -25.42 -11.00
CA GLY B 755 28.58 -24.61 -12.14
C GLY B 755 29.24 -23.31 -11.73
N THR B 756 29.36 -22.38 -12.66
CA THR B 756 29.94 -21.07 -12.37
C THR B 756 28.82 -20.06 -12.21
N PHE B 757 28.91 -19.24 -11.17
CA PHE B 757 27.85 -18.31 -10.83
C PHE B 757 28.45 -16.98 -10.38
N PRO B 758 27.71 -15.88 -10.56
CA PRO B 758 28.19 -14.60 -10.05
C PRO B 758 28.25 -14.62 -8.53
N ASP B 759 29.17 -13.83 -7.98
CA ASP B 759 29.28 -13.74 -6.53
C ASP B 759 28.02 -13.12 -5.95
N GLY B 760 27.61 -13.63 -4.79
CA GLY B 760 26.37 -13.22 -4.18
C GLY B 760 25.22 -14.18 -4.38
N THR B 761 25.45 -15.31 -5.04
CA THR B 761 24.42 -16.33 -5.22
C THR B 761 24.74 -17.54 -4.36
N GLY B 762 23.72 -18.01 -3.65
CA GLY B 762 23.88 -19.11 -2.72
C GLY B 762 22.63 -19.28 -1.89
N TYR B 763 22.82 -19.85 -0.70
CA TYR B 763 21.71 -20.10 0.20
C TYR B 763 22.07 -19.63 1.60
N PHE B 764 21.09 -19.00 2.26
CA PHE B 764 21.22 -18.52 3.63
C PHE B 764 20.27 -19.33 4.50
N ILE B 765 20.78 -19.89 5.59
CA ILE B 765 19.98 -20.57 6.59
C ILE B 765 20.26 -19.92 7.94
N GLY B 766 19.22 -19.86 8.77
CA GLY B 766 19.35 -19.30 10.10
C GLY B 766 18.07 -18.63 10.57
N GLY B 767 17.66 -18.91 11.80
CA GLY B 767 16.45 -18.33 12.32
C GLY B 767 15.22 -18.89 11.63
N SER B 768 14.10 -18.23 11.89
CA SER B 768 12.84 -18.60 11.26
C SER B 768 12.66 -17.80 9.98
N ASN B 769 12.18 -18.48 8.95
CA ASN B 769 11.95 -17.87 7.65
C ASN B 769 10.63 -18.43 7.11
N PRO B 770 9.86 -17.64 6.37
CA PRO B 770 8.55 -18.13 5.90
C PRO B 770 8.65 -19.38 5.05
N LEU B 771 9.70 -19.54 4.26
CA LEU B 771 9.91 -20.75 3.49
C LEU B 771 10.62 -21.77 4.37
N ALA B 772 10.00 -22.94 4.51
CA ALA B 772 10.39 -23.92 5.52
C ALA B 772 11.72 -24.58 5.22
N SER B 773 12.20 -24.51 3.98
CA SER B 773 13.38 -25.26 3.58
C SER B 773 14.67 -24.50 3.84
N ARG B 774 14.61 -23.36 4.52
CA ARG B 774 15.81 -22.59 4.82
C ARG B 774 15.77 -22.01 6.23
N GLU B 775 15.03 -22.63 7.13
CA GLU B 775 14.82 -22.10 8.48
C GLU B 775 15.59 -22.95 9.48
N LEU B 776 16.39 -22.29 10.31
CA LEU B 776 17.19 -22.94 11.35
C LEU B 776 17.09 -22.07 12.59
N ARG B 777 16.10 -22.36 13.44
CA ARG B 777 15.84 -21.53 14.61
C ARG B 777 17.02 -21.60 15.58
N GLY B 778 17.38 -20.45 16.13
CA GLY B 778 18.49 -20.34 17.06
C GLY B 778 19.67 -19.54 16.55
N LEU B 779 19.74 -19.23 15.26
CA LEU B 779 20.84 -18.46 14.71
C LEU B 779 20.33 -17.11 14.21
N GLU B 780 21.27 -16.26 13.83
CA GLU B 780 20.92 -15.00 13.19
C GLU B 780 20.30 -15.28 11.84
N ASP B 781 19.34 -14.45 11.45
CA ASP B 781 18.67 -14.62 10.18
C ASP B 781 19.68 -14.53 9.04
N GLY B 782 19.89 -15.66 8.37
CA GLY B 782 20.90 -15.76 7.33
C GLY B 782 22.31 -15.69 7.87
N GLN B 783 22.58 -16.44 8.93
CA GLN B 783 23.92 -16.51 9.50
C GLN B 783 24.79 -17.57 8.83
N LEU B 784 24.18 -18.63 8.29
CA LEU B 784 24.92 -19.69 7.63
C LEU B 784 24.74 -19.54 6.12
N PHE B 785 25.81 -19.13 5.43
CA PHE B 785 25.78 -18.93 4.00
C PHE B 785 26.59 -20.04 3.32
N GLY B 786 25.99 -20.67 2.33
CA GLY B 786 26.68 -21.75 1.62
C GLY B 786 26.18 -21.92 0.21
N THR B 787 27.07 -22.47 -0.63
CA THR B 787 26.69 -22.73 -2.02
C THR B 787 25.76 -23.92 -2.15
N ASN B 788 25.77 -24.83 -1.19
CA ASN B 788 24.78 -25.91 -1.13
C ASN B 788 24.60 -26.31 0.32
N TYR B 789 23.45 -26.93 0.62
CA TYR B 789 23.01 -27.01 2.00
C TYR B 789 22.12 -28.22 2.22
N PHE B 790 21.95 -28.57 3.50
CA PHE B 790 21.02 -29.59 3.94
C PHE B 790 20.51 -29.22 5.32
N SER B 791 19.20 -29.27 5.51
CA SER B 791 18.58 -29.00 6.81
C SER B 791 17.52 -30.05 7.09
N SER B 792 17.19 -30.22 8.37
CA SER B 792 16.18 -31.17 8.77
C SER B 792 15.72 -30.84 10.18
N SER B 793 14.47 -31.17 10.47
CA SER B 793 13.92 -30.86 11.78
C SER B 793 12.81 -31.84 12.14
N LEU B 794 12.53 -31.92 13.43
CA LEU B 794 11.47 -32.77 13.97
C LEU B 794 10.77 -32.00 15.09
N GLU B 795 9.45 -32.15 15.18
CA GLU B 795 8.70 -31.35 16.12
C GLU B 795 7.41 -32.04 16.52
N TYR B 796 7.12 -32.01 17.82
CA TYR B 796 5.78 -32.24 18.33
C TYR B 796 4.95 -30.99 18.09
N ARG B 797 3.71 -31.15 17.63
CA ARG B 797 2.79 -30.04 17.47
C ARG B 797 1.47 -30.42 18.14
N TYR B 798 1.11 -29.68 19.18
CA TYR B 798 -0.11 -29.95 19.94
C TYR B 798 -1.10 -28.83 19.73
N ASP B 799 -2.33 -29.20 19.38
CA ASP B 799 -3.40 -28.24 19.12
C ASP B 799 -4.06 -27.92 20.45
N PHE B 800 -3.94 -26.67 20.88
CA PHE B 800 -4.59 -26.20 22.10
C PHE B 800 -6.09 -26.12 21.82
N GLY B 801 -6.88 -26.77 22.67
CA GLY B 801 -8.30 -26.91 22.41
C GLY B 801 -9.09 -25.63 22.52
N LEU B 802 -8.70 -24.62 21.75
CA LEU B 802 -9.38 -23.34 21.73
C LEU B 802 -9.92 -23.09 20.33
N SER B 803 -11.19 -22.72 20.25
CA SER B 803 -11.85 -22.41 18.99
C SER B 803 -12.89 -21.33 19.22
N GLY B 804 -13.28 -20.67 18.12
CA GLY B 804 -14.23 -19.58 18.24
C GLY B 804 -13.61 -18.36 18.88
N GLY B 805 -14.46 -17.48 19.39
CA GLY B 805 -13.96 -16.24 19.96
C GLY B 805 -13.30 -15.37 18.92
N VAL B 806 -12.22 -14.71 19.33
CA VAL B 806 -11.45 -13.84 18.43
C VAL B 806 -10.24 -14.54 17.86
N ALA B 807 -9.80 -15.64 18.47
CA ALA B 807 -8.66 -16.41 18.00
C ALA B 807 -9.15 -17.70 17.37
N GLN B 808 -8.92 -17.85 16.06
CA GLN B 808 -9.43 -19.02 15.34
C GLN B 808 -8.77 -20.30 15.82
N GLY B 809 -7.55 -20.22 16.34
CA GLY B 809 -6.89 -21.39 16.86
C GLY B 809 -5.53 -21.05 17.43
N LEU B 810 -4.99 -22.00 18.19
CA LEU B 810 -3.68 -21.85 18.79
C LEU B 810 -3.02 -23.21 18.90
N TYR B 811 -1.78 -23.30 18.47
CA TYR B 811 -1.02 -24.54 18.55
C TYR B 811 0.35 -24.26 19.16
N GLY B 812 0.93 -25.29 19.75
CA GLY B 812 2.26 -25.19 20.32
C GLY B 812 3.18 -26.27 19.79
N VAL B 813 4.48 -25.97 19.78
CA VAL B 813 5.48 -26.85 19.21
C VAL B 813 6.72 -26.85 20.09
N LEU B 814 7.31 -28.04 20.25
CA LEU B 814 8.63 -28.21 20.83
C LEU B 814 9.50 -28.87 19.78
N PHE B 815 10.46 -28.13 19.24
CA PHE B 815 11.16 -28.58 18.04
C PHE B 815 12.63 -28.85 18.33
N ALA B 816 13.20 -29.74 17.52
CA ALA B 816 14.64 -29.95 17.44
C ALA B 816 15.04 -29.82 15.98
N ASP B 817 16.07 -29.04 15.71
CA ASP B 817 16.47 -28.70 14.36
C ASP B 817 17.98 -28.88 14.20
N TYR B 818 18.38 -29.45 13.07
CA TYR B 818 19.79 -29.65 12.76
C TYR B 818 20.00 -29.42 11.27
N GLY B 819 21.06 -28.70 10.94
CA GLY B 819 21.36 -28.45 9.54
C GLY B 819 22.57 -27.56 9.41
N GLY B 820 23.01 -27.40 8.17
CA GLY B 820 24.16 -26.56 7.89
C GLY B 820 24.46 -26.54 6.41
N VAL B 821 25.51 -25.80 6.06
CA VAL B 821 25.91 -25.58 4.69
C VAL B 821 27.31 -26.16 4.49
N TRP B 822 27.67 -26.31 3.21
CA TRP B 822 29.05 -26.60 2.83
C TRP B 822 29.27 -25.99 1.45
N ASN B 823 30.54 -25.76 1.13
CA ASN B 823 30.91 -25.15 -0.14
C ASN B 823 31.59 -26.19 -1.02
N SER B 824 32.12 -25.75 -2.16
CA SER B 824 32.86 -26.65 -3.03
C SER B 824 34.05 -27.26 -2.30
N GLY B 825 34.79 -26.46 -1.56
CA GLY B 825 35.71 -26.99 -0.58
C GLY B 825 34.93 -27.64 0.53
N GLU B 826 35.09 -28.96 0.70
CA GLU B 826 34.21 -29.73 1.58
C GLU B 826 34.44 -29.33 3.03
N ALA B 827 33.52 -28.53 3.57
CA ALA B 827 33.56 -28.12 4.96
C ALA B 827 32.12 -27.98 5.45
N PHE B 828 31.66 -28.98 6.21
CA PHE B 828 30.27 -29.10 6.59
C PHE B 828 30.05 -28.27 7.86
N ARG B 829 29.83 -26.98 7.68
CA ARG B 829 29.65 -26.03 8.77
C ARG B 829 28.16 -25.98 9.12
N SER B 830 27.82 -26.36 10.35
CA SER B 830 26.42 -26.58 10.70
C SER B 830 26.15 -26.05 12.10
N ALA B 831 24.93 -26.29 12.58
CA ALA B 831 24.51 -25.79 13.88
C ALA B 831 23.38 -26.65 14.41
N TYR B 832 23.10 -26.51 15.71
CA TYR B 832 21.99 -27.16 16.39
C TYR B 832 20.89 -26.12 16.60
N GLY B 833 19.73 -26.57 17.02
CA GLY B 833 18.66 -25.67 17.44
C GLY B 833 17.61 -26.42 18.25
N VAL B 834 17.25 -25.84 19.39
CA VAL B 834 16.19 -26.39 20.25
C VAL B 834 15.33 -25.23 20.73
N GLY B 835 14.02 -25.40 20.67
CA GLY B 835 13.18 -24.32 21.16
C GLY B 835 11.72 -24.70 21.23
N ALA B 836 10.93 -23.73 21.67
CA ALA B 836 9.49 -23.88 21.86
C ALA B 836 8.78 -22.70 21.19
N GLY B 837 7.74 -22.99 20.42
CA GLY B 837 7.04 -21.97 19.69
C GLY B 837 5.53 -22.13 19.82
N VAL B 838 4.83 -21.05 19.51
CA VAL B 838 3.37 -21.01 19.53
C VAL B 838 2.88 -20.30 18.28
N GLN B 839 1.90 -20.90 17.62
CA GLN B 839 1.25 -20.29 16.47
C GLN B 839 -0.17 -19.91 16.85
N LEU B 840 -0.56 -18.68 16.52
CA LEU B 840 -1.89 -18.17 16.82
C LEU B 840 -2.54 -17.68 15.54
N ASN B 841 -3.78 -18.10 15.31
CA ASN B 841 -4.54 -17.70 14.12
C ASN B 841 -5.65 -16.75 14.54
N LEU B 842 -5.59 -15.52 14.06
CA LEU B 842 -6.57 -14.50 14.40
C LEU B 842 -7.63 -14.44 13.32
N GLY B 843 -8.89 -14.31 13.74
CA GLY B 843 -9.98 -14.27 12.78
C GLY B 843 -11.10 -13.30 13.12
N PHE B 844 -10.78 -12.26 13.88
CA PHE B 844 -11.79 -11.27 14.27
C PHE B 844 -11.86 -10.10 13.29
N GLY B 845 -11.95 -10.44 12.00
CA GLY B 845 -12.05 -9.42 10.97
C GLY B 845 -13.01 -9.82 9.86
N GLY B 846 -13.92 -10.74 10.16
CA GLY B 846 -14.85 -11.25 9.16
C GLY B 846 -14.21 -12.32 8.29
N ALA B 847 -12.91 -12.19 8.06
CA ALA B 847 -12.15 -13.19 7.34
C ALA B 847 -10.80 -13.34 8.02
N GLN B 848 -10.18 -14.50 7.82
CA GLN B 848 -8.95 -14.86 8.53
C GLN B 848 -7.81 -13.95 8.13
N LEU B 849 -7.29 -13.18 9.09
CA LEU B 849 -6.07 -12.45 8.88
C LEU B 849 -4.87 -13.39 9.05
N PRO B 850 -3.71 -13.06 8.48
CA PRO B 850 -2.62 -14.04 8.43
C PRO B 850 -2.16 -14.46 9.82
N SER B 851 -1.83 -15.73 9.94
CA SER B 851 -1.45 -16.32 11.22
C SER B 851 -0.09 -15.79 11.68
N LEU B 852 0.12 -15.85 12.99
CA LEU B 852 1.36 -15.40 13.60
C LEU B 852 2.06 -16.58 14.25
N ARG B 853 3.39 -16.53 14.28
CA ARG B 853 4.18 -17.58 14.90
C ARG B 853 5.30 -16.95 15.71
N PHE B 854 5.25 -17.13 17.03
CA PHE B 854 6.27 -16.63 17.95
C PHE B 854 7.05 -17.81 18.49
N ASP B 855 8.37 -17.79 18.34
CA ASP B 855 9.20 -18.91 18.74
C ASP B 855 10.36 -18.43 19.61
N TYR B 856 10.78 -19.29 20.54
CA TYR B 856 11.96 -19.05 21.37
C TYR B 856 12.93 -20.19 21.12
N GLY B 857 14.13 -19.84 20.65
CA GLY B 857 15.06 -20.85 20.20
C GLY B 857 16.48 -20.60 20.71
N TYR B 858 17.22 -21.68 20.86
CA TYR B 858 18.61 -21.65 21.30
C TYR B 858 19.45 -22.49 20.36
N SER B 859 20.67 -22.04 20.12
CA SER B 859 21.62 -22.74 19.28
C SER B 859 23.00 -22.65 19.91
N GLY B 860 23.74 -23.76 19.88
CA GLY B 860 25.08 -23.77 20.43
C GLY B 860 26.08 -23.03 19.58
N GLN B 861 25.77 -22.83 18.29
CA GLN B 861 26.69 -22.19 17.36
C GLN B 861 26.43 -20.69 17.23
N ASN B 862 25.51 -20.12 18.00
CA ASN B 862 25.32 -18.69 18.00
C ASN B 862 26.52 -18.00 18.65
N ALA B 863 26.87 -16.83 18.13
CA ALA B 863 28.08 -16.14 18.57
C ALA B 863 27.80 -15.12 19.67
N GLN B 864 26.98 -14.11 19.37
CA GLN B 864 26.78 -13.00 20.29
C GLN B 864 25.59 -13.19 21.22
N LYS B 865 24.85 -14.29 21.09
CA LYS B 865 23.72 -14.58 21.96
C LYS B 865 23.93 -15.96 22.58
N PRO B 866 24.65 -16.03 23.71
CA PRO B 866 24.78 -17.33 24.40
C PRO B 866 23.44 -17.88 24.86
N ASN B 867 22.50 -17.01 25.23
CA ASN B 867 21.13 -17.41 25.48
C ASN B 867 20.33 -17.40 24.19
N GLY B 868 19.19 -18.08 24.21
CA GLY B 868 18.32 -18.10 23.06
C GLY B 868 17.67 -16.75 22.81
N ARG B 869 16.96 -16.67 21.69
CA ARG B 869 16.28 -15.43 21.32
C ARG B 869 14.97 -15.78 20.64
N PHE B 870 14.22 -14.73 20.30
CA PHE B 870 12.88 -14.86 19.76
C PHE B 870 12.89 -14.72 18.25
N HIS B 871 12.02 -15.48 17.59
CA HIS B 871 11.80 -15.40 16.16
C HIS B 871 10.32 -15.15 15.91
N PHE B 872 10.03 -14.15 15.10
CA PHE B 872 8.67 -13.81 14.72
C PHE B 872 8.50 -14.09 13.24
N ARG B 873 7.47 -14.86 12.89
CA ARG B 873 7.22 -15.17 11.48
C ARG B 873 5.73 -15.16 11.22
N ILE B 874 5.32 -14.43 10.20
CA ILE B 874 3.95 -14.47 9.72
C ILE B 874 3.92 -15.47 8.58
N GLY B 875 3.38 -16.64 8.84
CA GLY B 875 3.37 -17.69 7.82
C GLY B 875 2.56 -18.86 8.27
N ASN B 876 2.44 -19.83 7.37
CA ASN B 876 1.65 -21.02 7.63
C ASN B 876 2.45 -21.93 8.58
N PHE B 877 1.80 -23.02 9.01
CA PHE B 877 2.42 -23.91 9.98
C PHE B 877 3.47 -24.80 9.31
N TRP B 878 3.38 -24.96 7.99
CA TRP B 878 4.16 -25.92 7.18
C TRP B 878 4.09 -27.36 7.69
#